data_3DTO
#
_entry.id   3DTO
#
_cell.length_a   97.564
_cell.length_b   47.987
_cell.length_c   111.159
_cell.angle_alpha   90.00
_cell.angle_beta   89.99
_cell.angle_gamma   90.00
#
_symmetry.space_group_name_H-M   'P 1 21 1'
#
_entity_poly.entity_id   1
_entity_poly.type   'polypeptide(L)'
_entity_poly.pdbx_seq_one_letter_code
;(MSE)NEQAILQSAEAWVKKQL(MSE)DEYSGHDWYHIRRVTL(MSE)AKAIGEQEKVDVFVVQIAALFHDLIDDKLVDD
PETAKQQLIDW(MSE)EAAGVPSQKIDHT(MSE)DIINTISFKGGHGQSLATREA(MSE)VVQDADRLDALGAIGIARTF
AYSGNKGQPIYDPELPIRET(MSE)TVEEYRHGKSTAINHFYEKLFKLKDL(MSE)NTETGKQLAKERHVF(MSE)EQFI
ERFLSEWNGD(MSE)LEHHHHHH
;
_entity_poly.pdbx_strand_id   A,B,C,D
#
# COMPACT_ATOMS: atom_id res chain seq x y z
N ASN A 2 -32.45 -45.55 34.42
CA ASN A 2 -31.63 -44.72 33.50
C ASN A 2 -31.76 -43.27 33.94
N GLU A 3 -30.68 -42.52 33.87
CA GLU A 3 -30.75 -41.12 34.24
C GLU A 3 -29.77 -40.30 33.40
N GLN A 4 -28.67 -40.93 33.01
CA GLN A 4 -27.64 -40.26 32.21
C GLN A 4 -28.03 -40.10 30.75
N ALA A 5 -28.79 -41.06 30.22
CA ALA A 5 -29.21 -41.01 28.81
C ALA A 5 -30.36 -40.04 28.59
N ILE A 6 -31.30 -40.00 29.53
CA ILE A 6 -32.44 -39.10 29.43
C ILE A 6 -31.92 -37.69 29.16
N LEU A 7 -30.82 -37.35 29.83
CA LEU A 7 -30.19 -36.05 29.70
C LEU A 7 -29.63 -35.86 28.30
N GLN A 8 -28.77 -36.80 27.89
CA GLN A 8 -28.17 -36.76 26.58
C GLN A 8 -29.19 -36.48 25.49
N SER A 9 -30.39 -37.01 25.67
CA SER A 9 -31.46 -36.83 24.71
C SER A 9 -31.93 -35.39 24.72
N ALA A 10 -32.22 -34.88 25.91
CA ALA A 10 -32.67 -33.52 26.08
C ALA A 10 -31.57 -32.55 25.64
N GLU A 11 -30.33 -32.81 26.05
CA GLU A 11 -29.22 -31.95 25.69
C GLU A 11 -29.15 -31.73 24.18
N ALA A 12 -29.83 -32.61 23.45
CA ALA A 12 -29.86 -32.54 22.00
C ALA A 12 -31.06 -31.76 21.49
N TRP A 13 -32.24 -32.05 22.05
CA TRP A 13 -33.45 -31.36 21.66
C TRP A 13 -33.34 -29.86 21.91
N VAL A 14 -32.96 -29.50 23.14
CA VAL A 14 -32.80 -28.10 23.53
C VAL A 14 -31.73 -27.45 22.65
N LYS A 15 -30.92 -28.27 21.99
CA LYS A 15 -29.86 -27.74 21.13
C LYS A 15 -30.38 -27.52 19.72
N LYS A 16 -31.17 -28.46 19.22
CA LYS A 16 -31.72 -28.34 17.87
C LYS A 16 -32.76 -27.23 17.75
N GLN A 17 -33.78 -27.27 18.60
CA GLN A 17 -34.85 -26.26 18.57
C GLN A 17 -34.28 -24.85 18.65
N LEU A 18 -33.11 -24.74 19.25
CA LEU A 18 -32.45 -23.44 19.42
C LEU A 18 -31.56 -23.01 18.25
N MSE A 19 -31.09 -23.99 17.47
CA MSE A 19 -30.21 -23.71 16.33
C MSE A 19 -31.03 -23.34 15.09
O MSE A 19 -30.60 -23.58 13.96
CB MSE A 19 -29.32 -24.94 16.03
CG MSE A 19 -27.85 -24.58 15.71
SE MSE A 19 -26.47 -24.98 17.13
CE MSE A 19 -26.93 -23.69 18.46
N ASP A 20 -32.20 -22.75 15.31
CA ASP A 20 -33.08 -22.32 14.22
C ASP A 20 -33.59 -20.91 14.48
N GLU A 21 -32.73 -20.07 15.06
CA GLU A 21 -33.08 -18.68 15.36
C GLU A 21 -32.47 -17.75 14.31
N ASP A 26 -26.91 -18.04 22.47
CA ASP A 26 -28.28 -18.35 22.87
C ASP A 26 -28.31 -19.70 23.60
N TRP A 27 -27.94 -20.77 22.89
CA TRP A 27 -27.91 -22.10 23.50
C TRP A 27 -26.72 -22.21 24.44
N TYR A 28 -25.59 -21.61 24.07
CA TYR A 28 -24.41 -21.65 24.91
C TYR A 28 -24.71 -21.27 26.36
N HIS A 29 -25.52 -20.23 26.56
CA HIS A 29 -25.89 -19.81 27.91
C HIS A 29 -26.51 -20.98 28.63
N ILE A 30 -27.42 -21.67 27.93
CA ILE A 30 -28.10 -22.85 28.47
C ILE A 30 -27.10 -23.94 28.80
N ARG A 31 -26.06 -24.08 27.97
CA ARG A 31 -25.03 -25.09 28.19
C ARG A 31 -24.23 -24.77 29.44
N ARG A 32 -23.55 -23.63 29.44
CA ARG A 32 -22.76 -23.29 30.61
C ARG A 32 -23.57 -23.18 31.89
N VAL A 33 -24.77 -22.61 31.83
CA VAL A 33 -25.56 -22.52 33.04
C VAL A 33 -25.86 -23.94 33.54
N THR A 34 -26.02 -24.87 32.62
CA THR A 34 -26.31 -26.23 33.00
C THR A 34 -25.10 -26.87 33.64
N LEU A 35 -23.96 -26.79 32.98
CA LEU A 35 -22.71 -27.36 33.51
C LEU A 35 -22.46 -26.94 34.95
N MSE A 36 -22.68 -25.66 35.22
CA MSE A 36 -22.49 -25.12 36.57
C MSE A 36 -23.48 -25.73 37.52
O MSE A 36 -23.11 -26.31 38.54
CB MSE A 36 -22.65 -23.60 36.57
CG MSE A 36 -21.44 -22.88 36.05
SE MSE A 36 -21.64 -20.99 36.11
CE MSE A 36 -21.52 -20.61 34.16
N ALA A 37 -24.76 -25.59 37.18
CA ALA A 37 -25.81 -26.15 38.00
C ALA A 37 -25.39 -27.55 38.42
N LYS A 38 -24.74 -28.27 37.49
CA LYS A 38 -24.26 -29.63 37.76
C LYS A 38 -23.19 -29.61 38.85
N ALA A 39 -22.01 -29.08 38.51
CA ALA A 39 -20.92 -29.00 39.46
C ALA A 39 -21.48 -28.51 40.79
N ILE A 40 -22.13 -27.37 40.77
CA ILE A 40 -22.69 -26.84 42.00
C ILE A 40 -23.68 -27.83 42.59
N GLY A 41 -24.35 -28.56 41.71
CA GLY A 41 -25.33 -29.52 42.14
C GLY A 41 -24.79 -30.60 43.05
N GLU A 42 -23.80 -31.35 42.57
CA GLU A 42 -23.23 -32.45 43.34
C GLU A 42 -22.30 -32.02 44.47
N GLN A 43 -21.95 -30.74 44.47
CA GLN A 43 -21.11 -30.21 45.52
C GLN A 43 -22.04 -30.08 46.74
N GLU A 44 -23.31 -29.83 46.46
CA GLU A 44 -24.33 -29.69 47.50
C GLU A 44 -25.06 -31.02 47.70
N LYS A 45 -24.50 -32.08 47.13
CA LYS A 45 -25.06 -33.41 47.22
C LYS A 45 -26.59 -33.43 47.05
N VAL A 46 -27.06 -32.72 46.03
CA VAL A 46 -28.49 -32.65 45.71
C VAL A 46 -28.73 -33.52 44.47
N ASP A 47 -30.00 -33.68 44.07
CA ASP A 47 -30.36 -34.50 42.90
C ASP A 47 -29.78 -33.89 41.63
N VAL A 48 -28.57 -34.30 41.31
CA VAL A 48 -27.89 -33.77 40.14
C VAL A 48 -28.66 -33.98 38.85
N PHE A 49 -29.71 -34.80 38.90
CA PHE A 49 -30.51 -35.04 37.70
C PHE A 49 -31.46 -33.87 37.43
N VAL A 50 -32.42 -33.71 38.33
CA VAL A 50 -33.43 -32.67 38.20
C VAL A 50 -32.80 -31.30 37.95
N VAL A 51 -31.75 -31.01 38.70
CA VAL A 51 -31.10 -29.73 38.53
C VAL A 51 -30.63 -29.59 37.08
N GLN A 52 -30.06 -30.67 36.54
CA GLN A 52 -29.57 -30.66 35.13
C GLN A 52 -30.71 -30.48 34.11
N ILE A 53 -31.77 -31.28 34.28
CA ILE A 53 -32.93 -31.20 33.39
C ILE A 53 -33.53 -29.80 33.49
N ALA A 54 -33.68 -29.33 34.73
CA ALA A 54 -34.23 -28.00 34.99
C ALA A 54 -33.43 -26.96 34.22
N ALA A 55 -32.13 -26.96 34.48
CA ALA A 55 -31.19 -26.05 33.85
C ALA A 55 -31.42 -25.97 32.36
N LEU A 56 -31.56 -27.14 31.73
CA LEU A 56 -31.78 -27.23 30.30
C LEU A 56 -33.01 -26.51 29.75
N PHE A 57 -34.12 -26.60 30.47
CA PHE A 57 -35.37 -26.00 30.03
C PHE A 57 -35.71 -24.67 30.70
N HIS A 58 -34.94 -24.30 31.73
CA HIS A 58 -35.12 -23.06 32.47
C HIS A 58 -35.43 -21.87 31.57
N ASP A 59 -34.66 -21.74 30.49
CA ASP A 59 -34.84 -20.64 29.54
C ASP A 59 -36.01 -20.83 28.57
N LEU A 60 -35.96 -21.86 27.73
CA LEU A 60 -37.04 -22.11 26.77
C LEU A 60 -38.43 -22.16 27.41
N ILE A 61 -39.08 -21.00 27.45
CA ILE A 61 -40.42 -20.88 28.02
C ILE A 61 -41.04 -19.56 27.54
N ASP A 62 -40.19 -18.57 27.30
CA ASP A 62 -40.64 -17.24 26.86
C ASP A 62 -39.94 -16.76 25.60
N GLU A 70 -47.96 -22.98 30.07
CA GLU A 70 -49.02 -23.57 29.28
C GLU A 70 -48.45 -24.71 28.43
N THR A 71 -48.94 -24.84 27.19
CA THR A 71 -48.51 -25.86 26.22
C THR A 71 -47.00 -26.02 26.17
N ALA A 72 -46.29 -24.92 26.36
CA ALA A 72 -44.83 -24.94 26.34
C ALA A 72 -44.32 -25.89 27.41
N LYS A 73 -44.83 -25.69 28.63
CA LYS A 73 -44.45 -26.52 29.77
C LYS A 73 -44.87 -27.96 29.51
N GLN A 74 -46.12 -28.15 29.10
CA GLN A 74 -46.66 -29.49 28.82
C GLN A 74 -45.75 -30.22 27.85
N GLN A 75 -45.36 -29.53 26.77
CA GLN A 75 -44.47 -30.10 25.75
C GLN A 75 -43.35 -30.94 26.41
N LEU A 76 -42.85 -30.43 27.54
CA LEU A 76 -41.77 -31.09 28.27
C LEU A 76 -42.35 -32.16 29.19
N ILE A 77 -43.31 -31.75 30.01
CA ILE A 77 -43.94 -32.66 30.96
C ILE A 77 -44.30 -33.95 30.21
N ASP A 78 -44.56 -33.83 28.90
CA ASP A 78 -44.90 -35.02 28.12
C ASP A 78 -43.63 -35.77 27.76
N TRP A 79 -42.76 -35.10 27.00
CA TRP A 79 -41.49 -35.69 26.59
C TRP A 79 -40.81 -36.44 27.75
N MSE A 80 -40.92 -35.84 28.92
CA MSE A 80 -40.35 -36.34 30.17
C MSE A 80 -41.01 -37.65 30.60
O MSE A 80 -40.32 -38.64 30.87
CB MSE A 80 -40.53 -35.27 31.24
CG MSE A 80 -39.60 -35.33 32.45
SE MSE A 80 -38.95 -33.54 32.93
CE MSE A 80 -40.66 -32.59 33.17
N GLU A 81 -42.33 -37.67 30.67
CA GLU A 81 -43.02 -38.89 31.07
C GLU A 81 -42.62 -40.03 30.14
N ALA A 82 -42.31 -39.70 28.89
CA ALA A 82 -41.93 -40.68 27.90
C ALA A 82 -40.50 -41.08 28.09
N ALA A 83 -39.88 -40.54 29.14
CA ALA A 83 -38.50 -40.86 29.45
C ALA A 83 -38.46 -41.73 30.72
N GLY A 84 -39.63 -41.92 31.32
CA GLY A 84 -39.70 -42.75 32.50
C GLY A 84 -39.39 -42.00 33.77
N VAL A 85 -39.29 -40.69 33.66
CA VAL A 85 -39.01 -39.91 34.83
C VAL A 85 -40.15 -40.09 35.81
N PRO A 86 -39.86 -40.63 37.01
CA PRO A 86 -40.90 -40.86 38.03
C PRO A 86 -41.72 -39.60 38.36
N SER A 87 -43.04 -39.78 38.56
CA SER A 87 -43.94 -38.65 38.83
C SER A 87 -43.38 -37.63 39.81
N GLN A 88 -42.80 -38.10 40.92
CA GLN A 88 -42.24 -37.16 41.90
C GLN A 88 -41.18 -36.32 41.23
N LYS A 89 -40.22 -36.97 40.56
CA LYS A 89 -39.15 -36.21 39.91
C LYS A 89 -39.70 -35.25 38.87
N ILE A 90 -40.41 -35.79 37.89
CA ILE A 90 -40.98 -34.99 36.81
C ILE A 90 -41.81 -33.83 37.35
N ASP A 91 -42.55 -34.06 38.43
CA ASP A 91 -43.36 -33.01 39.05
C ASP A 91 -42.46 -32.05 39.84
N HIS A 92 -41.20 -32.43 40.00
CA HIS A 92 -40.23 -31.64 40.74
C HIS A 92 -39.32 -30.88 39.79
N THR A 93 -39.16 -31.40 38.58
CA THR A 93 -38.30 -30.76 37.60
C THR A 93 -38.77 -29.36 37.30
N MSE A 94 -39.76 -29.24 36.42
CA MSE A 94 -40.25 -27.91 36.07
C MSE A 94 -40.84 -27.16 37.28
O MSE A 94 -41.17 -25.98 37.18
CB MSE A 94 -41.25 -27.98 34.88
CG MSE A 94 -42.12 -29.22 34.78
SE MSE A 94 -43.11 -29.38 36.43
CE MSE A 94 -44.75 -28.51 35.92
N ASP A 95 -40.91 -27.84 38.43
CA ASP A 95 -41.42 -27.25 39.67
C ASP A 95 -40.55 -26.04 40.01
N ILE A 96 -39.27 -26.18 39.72
CA ILE A 96 -38.31 -25.13 39.97
C ILE A 96 -38.23 -24.25 38.72
N ILE A 97 -38.56 -24.85 37.58
CA ILE A 97 -38.53 -24.15 36.31
C ILE A 97 -39.24 -22.81 36.33
N ASN A 98 -40.51 -22.83 36.66
CA ASN A 98 -41.29 -21.61 36.68
C ASN A 98 -40.83 -20.63 37.79
N THR A 99 -40.88 -21.08 39.04
CA THR A 99 -40.49 -20.27 40.18
C THR A 99 -38.99 -19.95 40.25
N ILE A 100 -38.50 -19.16 39.30
CA ILE A 100 -37.07 -18.82 39.26
C ILE A 100 -36.84 -17.36 38.83
N ALA A 111 -37.91 -22.36 47.63
CA ALA A 111 -38.73 -23.52 47.28
C ALA A 111 -38.07 -24.87 47.60
N THR A 112 -36.93 -25.12 46.96
CA THR A 112 -36.17 -26.38 47.15
C THR A 112 -34.69 -26.17 46.99
N ARG A 113 -33.88 -27.07 47.54
CA ARG A 113 -32.45 -26.93 47.40
C ARG A 113 -32.02 -27.04 45.94
N GLU A 114 -32.50 -28.07 45.24
CA GLU A 114 -32.14 -28.26 43.82
C GLU A 114 -32.50 -27.03 43.01
N ALA A 115 -33.56 -26.34 43.45
CA ALA A 115 -34.02 -25.14 42.80
C ALA A 115 -32.94 -24.09 43.01
N MSE A 116 -32.44 -24.01 44.24
CA MSE A 116 -31.38 -23.06 44.62
C MSE A 116 -30.13 -23.20 43.77
O MSE A 116 -29.49 -22.21 43.41
CB MSE A 116 -31.03 -23.22 46.10
CG MSE A 116 -32.15 -22.90 47.07
SE MSE A 116 -31.56 -23.18 48.93
CE MSE A 116 -32.84 -24.50 49.54
N VAL A 117 -29.75 -24.45 43.47
CA VAL A 117 -28.57 -24.68 42.67
C VAL A 117 -28.80 -24.10 41.28
N VAL A 118 -29.96 -24.38 40.70
CA VAL A 118 -30.26 -23.89 39.37
C VAL A 118 -30.33 -22.38 39.38
N GLN A 119 -30.81 -21.82 40.48
CA GLN A 119 -30.92 -20.38 40.64
C GLN A 119 -29.55 -19.70 40.51
N ASP A 120 -28.59 -20.23 41.25
CA ASP A 120 -27.21 -19.71 41.30
C ASP A 120 -26.51 -19.86 39.97
N ALA A 121 -26.51 -21.08 39.43
CA ALA A 121 -25.90 -21.37 38.15
C ALA A 121 -26.30 -20.35 37.09
N ASP A 122 -27.59 -19.99 37.08
CA ASP A 122 -28.08 -19.01 36.08
C ASP A 122 -27.57 -17.60 36.38
N ARG A 123 -27.69 -17.17 37.62
CA ARG A 123 -27.22 -15.85 37.98
C ARG A 123 -25.69 -15.79 38.11
N LEU A 124 -25.07 -16.93 38.30
CA LEU A 124 -23.63 -16.98 38.43
C LEU A 124 -23.03 -16.71 37.06
N ASP A 125 -23.88 -16.74 36.03
CA ASP A 125 -23.40 -16.51 34.66
C ASP A 125 -23.40 -15.02 34.27
N ALA A 126 -23.85 -14.16 35.17
CA ALA A 126 -23.88 -12.74 34.86
C ALA A 126 -22.58 -12.11 35.28
N LEU A 127 -21.79 -12.85 36.05
CA LEU A 127 -20.49 -12.38 36.53
C LEU A 127 -19.36 -13.10 35.78
N GLY A 128 -18.14 -12.61 35.98
CA GLY A 128 -17.00 -13.23 35.34
C GLY A 128 -16.56 -12.54 34.08
N ALA A 129 -15.57 -13.13 33.41
CA ALA A 129 -15.04 -12.57 32.16
C ALA A 129 -16.16 -12.42 31.15
N ILE A 130 -16.95 -13.47 31.03
CA ILE A 130 -18.09 -13.50 30.12
C ILE A 130 -19.04 -12.39 30.53
N GLY A 131 -19.24 -12.24 31.83
CA GLY A 131 -20.13 -11.19 32.32
C GLY A 131 -19.60 -9.82 31.92
N ILE A 132 -18.29 -9.63 32.06
CA ILE A 132 -17.64 -8.37 31.69
C ILE A 132 -17.86 -8.07 30.22
N ALA A 133 -17.62 -9.08 29.39
CA ALA A 133 -17.80 -8.94 27.94
C ALA A 133 -19.26 -8.64 27.62
N ARG A 134 -20.16 -9.47 28.11
CA ARG A 134 -21.58 -9.32 27.84
C ARG A 134 -22.10 -7.94 28.28
N THR A 135 -21.47 -7.35 29.29
CA THR A 135 -21.93 -6.04 29.74
C THR A 135 -21.55 -5.02 28.70
N PHE A 136 -20.25 -4.88 28.46
CA PHE A 136 -19.79 -3.91 27.49
C PHE A 136 -20.40 -4.15 26.13
N ALA A 137 -20.84 -5.37 25.88
CA ALA A 137 -21.43 -5.72 24.61
C ALA A 137 -22.79 -5.08 24.50
N TYR A 138 -23.63 -5.35 25.49
CA TYR A 138 -24.99 -4.80 25.54
C TYR A 138 -24.91 -3.28 25.52
N SER A 139 -23.89 -2.72 26.15
CA SER A 139 -23.71 -1.28 26.19
C SER A 139 -23.55 -0.73 24.78
N GLY A 140 -22.72 -1.42 24.00
CA GLY A 140 -22.47 -1.00 22.63
C GLY A 140 -23.74 -1.11 21.79
N ASN A 141 -24.54 -2.13 22.12
CA ASN A 141 -25.78 -2.33 21.41
C ASN A 141 -26.78 -1.26 21.82
N LYS A 142 -26.77 -0.90 23.10
CA LYS A 142 -27.70 0.11 23.62
C LYS A 142 -27.31 1.52 23.10
N GLY A 143 -26.08 1.63 22.62
CA GLY A 143 -25.64 2.91 22.12
C GLY A 143 -25.30 3.88 23.23
N GLN A 144 -24.79 3.37 24.33
CA GLN A 144 -24.41 4.24 25.43
C GLN A 144 -22.88 4.21 25.58
N PRO A 145 -22.29 5.19 26.29
CA PRO A 145 -20.85 5.31 26.51
C PRO A 145 -20.36 4.19 27.39
N ILE A 146 -19.16 3.70 27.11
CA ILE A 146 -18.62 2.60 27.90
C ILE A 146 -18.39 3.08 29.33
N TYR A 147 -18.04 4.34 29.47
CA TYR A 147 -17.77 4.91 30.79
C TYR A 147 -17.83 6.44 30.82
N ASP A 148 -18.21 6.98 31.97
CA ASP A 148 -18.32 8.43 32.14
C ASP A 148 -18.03 8.86 33.60
N PRO A 149 -16.87 9.48 33.84
CA PRO A 149 -16.46 9.93 35.17
C PRO A 149 -17.32 11.06 35.75
N GLU A 150 -17.96 11.80 34.85
CA GLU A 150 -18.83 12.91 35.22
C GLU A 150 -20.20 12.36 35.63
N LEU A 151 -20.48 11.12 35.25
CA LEU A 151 -21.75 10.51 35.57
C LEU A 151 -21.82 9.92 36.98
N PRO A 152 -22.87 10.26 37.72
CA PRO A 152 -23.04 9.76 39.07
C PRO A 152 -23.34 8.27 39.12
N ILE A 153 -22.93 7.65 40.22
CA ILE A 153 -23.13 6.24 40.45
C ILE A 153 -24.41 6.12 41.30
N ARG A 154 -25.55 5.90 40.66
CA ARG A 154 -26.82 5.77 41.38
C ARG A 154 -26.70 5.05 42.71
N MSE A 157 -33.76 3.86 42.80
CA MSE A 157 -33.77 3.43 41.41
C MSE A 157 -34.86 2.38 41.17
O MSE A 157 -34.95 1.42 41.92
CB MSE A 157 -32.40 2.87 41.05
CG MSE A 157 -32.31 2.24 39.67
SE MSE A 157 -30.54 1.51 39.29
CE MSE A 157 -30.63 -0.07 40.43
N THR A 158 -35.67 2.56 40.13
CA THR A 158 -36.75 1.61 39.78
C THR A 158 -37.42 1.84 38.43
N VAL A 159 -38.18 2.92 38.35
CA VAL A 159 -38.90 3.29 37.14
C VAL A 159 -37.93 3.89 36.13
N GLU A 160 -37.13 4.86 36.58
CA GLU A 160 -36.16 5.52 35.70
C GLU A 160 -35.02 4.57 35.31
N GLU A 161 -35.07 3.34 35.81
CA GLU A 161 -34.03 2.37 35.51
C GLU A 161 -33.70 2.36 34.01
N TYR A 162 -34.46 1.60 33.23
CA TYR A 162 -34.20 1.54 31.79
C TYR A 162 -35.23 2.35 31.00
N ARG A 163 -36.22 2.90 31.69
CA ARG A 163 -37.24 3.69 31.00
C ARG A 163 -36.71 5.02 30.48
N HIS A 164 -35.58 5.49 31.02
CA HIS A 164 -34.98 6.75 30.57
C HIS A 164 -33.57 6.90 31.17
N GLY A 165 -33.41 6.47 32.42
CA GLY A 165 -32.14 6.56 33.12
C GLY A 165 -30.87 6.20 32.35
N LYS A 166 -30.23 7.23 31.78
CA LYS A 166 -29.00 7.03 31.01
C LYS A 166 -27.85 6.61 31.93
N SER A 167 -27.41 5.36 31.78
CA SER A 167 -26.34 4.82 32.61
C SER A 167 -25.11 4.50 31.76
N THR A 168 -24.13 3.85 32.39
CA THR A 168 -22.90 3.45 31.72
C THR A 168 -22.58 2.02 32.07
N ALA A 169 -21.86 1.38 31.16
CA ALA A 169 -21.41 0.00 31.31
C ALA A 169 -20.77 -0.18 32.69
N ILE A 170 -19.74 0.62 32.96
CA ILE A 170 -19.06 0.56 34.24
C ILE A 170 -20.05 0.73 35.39
N ASN A 171 -20.95 1.70 35.30
CA ASN A 171 -21.89 1.91 36.36
C ASN A 171 -22.77 0.69 36.60
N HIS A 172 -23.15 0.04 35.52
CA HIS A 172 -23.99 -1.16 35.62
C HIS A 172 -23.26 -2.22 36.45
N PHE A 173 -21.94 -2.09 36.58
CA PHE A 173 -21.18 -3.04 37.38
C PHE A 173 -21.49 -2.77 38.86
N TYR A 174 -21.50 -1.49 39.22
CA TYR A 174 -21.76 -1.12 40.59
C TYR A 174 -23.25 -1.05 40.88
N GLU A 175 -24.08 -1.02 39.83
CA GLU A 175 -25.52 -0.95 40.01
C GLU A 175 -26.29 -2.28 40.11
N LYS A 176 -25.90 -3.27 39.32
CA LYS A 176 -26.60 -4.54 39.32
C LYS A 176 -25.66 -5.73 39.54
N LEU A 177 -24.64 -5.87 38.71
CA LEU A 177 -23.73 -7.00 38.83
C LEU A 177 -23.04 -7.22 40.16
N PHE A 178 -22.24 -6.24 40.59
CA PHE A 178 -21.51 -6.33 41.83
C PHE A 178 -22.30 -6.62 43.09
N LYS A 179 -23.62 -6.70 42.97
CA LYS A 179 -24.42 -6.99 44.13
C LYS A 179 -25.18 -8.29 43.93
N LEU A 180 -24.44 -9.30 43.50
CA LEU A 180 -25.04 -10.60 43.26
C LEU A 180 -24.55 -11.64 44.23
N LYS A 181 -23.26 -11.60 44.54
CA LYS A 181 -22.66 -12.57 45.44
C LYS A 181 -23.52 -12.79 46.67
N ASP A 182 -24.23 -11.75 47.08
CA ASP A 182 -25.11 -11.81 48.24
C ASP A 182 -26.38 -12.55 47.87
N LEU A 183 -27.00 -12.13 46.78
CA LEU A 183 -28.22 -12.75 46.30
C LEU A 183 -28.05 -14.24 46.01
N MSE A 184 -26.84 -14.77 46.19
CA MSE A 184 -26.59 -16.18 45.93
C MSE A 184 -27.35 -17.05 46.94
O MSE A 184 -28.08 -16.53 47.78
CB MSE A 184 -25.09 -16.46 46.01
CG MSE A 184 -24.56 -17.49 45.01
SE MSE A 184 -24.61 -16.86 43.13
CE MSE A 184 -24.04 -15.02 43.38
N ASN A 185 -27.17 -18.36 46.85
CA ASN A 185 -27.84 -19.27 47.78
C ASN A 185 -26.92 -20.41 48.21
N THR A 186 -26.58 -21.26 47.26
CA THR A 186 -25.71 -22.38 47.54
C THR A 186 -24.42 -21.89 48.13
N GLU A 187 -23.92 -22.61 49.10
CA GLU A 187 -22.67 -22.22 49.72
C GLU A 187 -21.59 -22.17 48.63
N THR A 188 -21.52 -23.20 47.80
CA THR A 188 -20.53 -23.22 46.74
C THR A 188 -20.81 -22.05 45.80
N GLY A 189 -22.08 -21.63 45.76
CA GLY A 189 -22.48 -20.52 44.92
C GLY A 189 -21.72 -19.25 45.28
N LYS A 190 -21.76 -18.89 46.56
CA LYS A 190 -21.06 -17.70 47.05
C LYS A 190 -19.58 -17.90 46.71
N GLN A 191 -19.11 -19.12 46.84
CA GLN A 191 -17.72 -19.42 46.53
C GLN A 191 -17.36 -18.92 45.12
N LEU A 192 -18.05 -19.45 44.11
CA LEU A 192 -17.81 -19.06 42.71
C LEU A 192 -18.10 -17.59 42.46
N ALA A 193 -19.20 -17.10 43.01
CA ALA A 193 -19.59 -15.71 42.84
C ALA A 193 -18.48 -14.83 43.38
N LYS A 194 -17.73 -15.35 44.34
CA LYS A 194 -16.64 -14.60 44.94
C LYS A 194 -15.45 -14.51 44.00
N GLU A 195 -14.99 -15.67 43.50
CA GLU A 195 -13.85 -15.70 42.60
C GLU A 195 -14.17 -14.89 41.36
N ARG A 196 -15.46 -14.72 41.07
CA ARG A 196 -15.90 -13.96 39.90
C ARG A 196 -15.83 -12.46 40.21
N HIS A 197 -16.45 -12.08 41.32
CA HIS A 197 -16.49 -10.70 41.76
C HIS A 197 -15.11 -10.07 41.80
N VAL A 198 -14.13 -10.82 42.29
CA VAL A 198 -12.78 -10.28 42.36
C VAL A 198 -12.24 -9.96 40.99
N PHE A 199 -12.35 -10.89 40.03
CA PHE A 199 -11.84 -10.66 38.67
C PHE A 199 -12.41 -9.36 38.07
N MSE A 200 -13.66 -9.08 38.36
CA MSE A 200 -14.28 -7.88 37.86
C MSE A 200 -13.67 -6.70 38.57
O MSE A 200 -13.35 -5.70 37.93
CB MSE A 200 -15.77 -7.92 38.12
CG MSE A 200 -16.40 -9.22 37.66
SE MSE A 200 -18.33 -9.14 37.58
CE MSE A 200 -18.54 -9.67 35.75
N GLU A 201 -13.52 -6.80 39.89
CA GLU A 201 -12.90 -5.71 40.62
C GLU A 201 -11.49 -5.53 40.06
N GLN A 202 -10.87 -6.65 39.69
CA GLN A 202 -9.53 -6.67 39.13
C GLN A 202 -9.52 -5.91 37.80
N PHE A 203 -10.52 -6.17 36.97
CA PHE A 203 -10.67 -5.53 35.67
C PHE A 203 -11.09 -4.07 35.72
N ILE A 204 -12.13 -3.79 36.49
CA ILE A 204 -12.63 -2.42 36.61
C ILE A 204 -11.59 -1.51 37.21
N GLU A 205 -10.61 -2.05 37.95
CA GLU A 205 -9.58 -1.21 38.54
C GLU A 205 -8.50 -0.95 37.51
N ARG A 206 -8.13 -1.99 36.75
CA ARG A 206 -7.12 -1.87 35.69
C ARG A 206 -7.67 -0.94 34.61
N PHE A 207 -9.00 -0.91 34.49
CA PHE A 207 -9.64 -0.09 33.51
C PHE A 207 -9.56 1.37 33.87
N LEU A 208 -9.80 1.67 35.14
CA LEU A 208 -9.77 3.06 35.59
C LEU A 208 -8.37 3.59 35.66
N SER A 209 -7.45 2.78 36.19
CA SER A 209 -6.05 3.21 36.27
C SER A 209 -5.57 3.57 34.85
N GLU A 210 -6.04 2.79 33.87
CA GLU A 210 -5.69 3.02 32.46
C GLU A 210 -6.41 4.29 31.95
N TRP A 211 -7.62 4.52 32.45
CA TRP A 211 -8.42 5.68 32.06
C TRP A 211 -7.79 6.97 32.59
N ASN A 212 -7.28 6.92 33.83
CA ASN A 212 -6.64 8.08 34.47
C ASN A 212 -5.23 8.22 33.88
N GLY A 213 -4.21 8.26 34.74
CA GLY A 213 -2.85 8.38 34.25
C GLY A 213 -1.93 7.33 34.83
N ASN B 2 7.92 31.02 26.47
CA ASN B 2 7.32 29.92 27.29
C ASN B 2 7.02 28.73 26.43
N GLU B 3 6.67 27.60 27.07
CA GLU B 3 6.32 26.35 26.37
C GLU B 3 5.24 25.57 27.12
N GLN B 4 5.41 25.45 28.43
CA GLN B 4 4.48 24.70 29.24
C GLN B 4 3.04 25.14 29.14
N ALA B 5 2.87 26.46 29.25
CA ALA B 5 1.56 27.14 29.17
C ALA B 5 0.93 26.97 27.80
N ILE B 6 1.76 27.01 26.75
CA ILE B 6 1.29 26.85 25.39
C ILE B 6 0.41 25.61 25.32
N LEU B 7 0.81 24.56 26.03
CA LEU B 7 0.07 23.30 26.09
C LEU B 7 -1.24 23.47 26.79
N GLN B 8 -1.18 24.03 27.99
CA GLN B 8 -2.37 24.25 28.80
C GLN B 8 -3.45 24.97 28.00
N SER B 9 -3.02 25.83 27.08
CA SER B 9 -3.94 26.57 26.24
C SER B 9 -4.59 25.64 25.25
N ALA B 10 -3.76 24.87 24.55
CA ALA B 10 -4.23 23.91 23.57
C ALA B 10 -5.09 22.85 24.24
N GLU B 11 -4.62 22.29 25.36
CA GLU B 11 -5.36 21.25 26.08
C GLU B 11 -6.80 21.70 26.37
N ALA B 12 -7.06 22.99 26.23
CA ALA B 12 -8.38 23.54 26.48
C ALA B 12 -9.16 23.68 25.17
N TRP B 13 -8.50 24.23 24.15
CA TRP B 13 -9.14 24.41 22.85
C TRP B 13 -9.60 23.06 22.31
N VAL B 14 -8.68 22.09 22.26
CA VAL B 14 -8.98 20.76 21.78
C VAL B 14 -10.07 20.12 22.64
N LYS B 15 -10.32 20.70 23.80
CA LYS B 15 -11.33 20.15 24.69
C LYS B 15 -12.67 20.79 24.41
N LYS B 16 -12.67 22.11 24.19
CA LYS B 16 -13.91 22.81 23.92
C LYS B 16 -14.51 22.45 22.55
N GLN B 17 -13.72 22.59 21.48
CA GLN B 17 -14.19 22.29 20.14
C GLN B 17 -14.75 20.88 20.06
N LEU B 18 -14.31 20.00 20.96
CA LEU B 18 -14.77 18.62 20.97
C LEU B 18 -16.01 18.38 21.83
N MSE B 19 -16.26 19.27 22.79
CA MSE B 19 -17.40 19.14 23.69
C MSE B 19 -18.67 19.71 23.04
O MSE B 19 -19.58 20.18 23.74
CB MSE B 19 -17.12 19.84 25.03
CG MSE B 19 -17.63 19.08 26.26
SE MSE B 19 -16.27 18.22 27.41
CE MSE B 19 -15.65 16.80 26.21
N ASP B 20 -18.74 19.67 21.71
CA ASP B 20 -19.90 20.18 20.97
C ASP B 20 -20.32 19.18 19.89
N GLU B 21 -20.21 17.90 20.20
CA GLU B 21 -20.56 16.84 19.28
C GLU B 21 -21.92 16.27 19.66
N ASP B 26 -14.66 10.65 23.19
CA ASP B 26 -14.12 11.29 22.00
C ASP B 26 -12.86 12.05 22.38
N TRP B 27 -12.99 13.03 23.28
CA TRP B 27 -11.84 13.81 23.73
C TRP B 27 -10.96 12.98 24.66
N TYR B 28 -11.59 12.16 25.48
CA TYR B 28 -10.84 11.32 26.42
C TYR B 28 -9.71 10.56 25.71
N HIS B 29 -10.02 10.01 24.53
CA HIS B 29 -9.00 9.27 23.75
C HIS B 29 -7.82 10.21 23.53
N ILE B 30 -8.11 11.45 23.14
CA ILE B 30 -7.09 12.45 22.90
C ILE B 30 -6.32 12.70 24.18
N ARG B 31 -7.02 12.71 25.31
CA ARG B 31 -6.38 12.95 26.59
C ARG B 31 -5.43 11.81 26.94
N ARG B 32 -5.97 10.60 27.08
CA ARG B 32 -5.10 9.51 27.43
C ARG B 32 -4.00 9.25 26.42
N VAL B 33 -4.29 9.37 25.14
CA VAL B 33 -3.25 9.14 24.15
C VAL B 33 -2.13 10.18 24.35
N THR B 34 -2.49 11.39 24.77
CA THR B 34 -1.50 12.44 24.99
C THR B 34 -0.66 12.16 26.23
N LEU B 35 -1.32 11.81 27.33
CA LEU B 35 -0.62 11.51 28.57
C LEU B 35 0.46 10.45 28.36
N MSE B 36 0.13 9.41 27.61
CA MSE B 36 1.06 8.33 27.31
C MSE B 36 2.20 8.86 26.46
O MSE B 36 3.36 8.70 26.81
CB MSE B 36 0.35 7.22 26.55
CG MSE B 36 -0.48 6.32 27.44
SE MSE B 36 -1.38 4.94 26.37
CE MSE B 36 -3.23 5.35 26.79
N ALA B 37 1.84 9.47 25.34
CA ALA B 37 2.84 10.03 24.46
C ALA B 37 3.85 10.78 25.31
N LYS B 38 3.37 11.43 26.38
CA LYS B 38 4.21 12.19 27.30
C LYS B 38 5.14 11.24 28.03
N ALA B 39 4.59 10.45 28.95
CA ALA B 39 5.39 9.50 29.69
C ALA B 39 6.36 8.79 28.76
N ILE B 40 5.83 8.21 27.69
CA ILE B 40 6.69 7.51 26.75
C ILE B 40 7.68 8.50 26.15
N GLY B 41 7.25 9.74 26.02
CA GLY B 41 8.09 10.77 25.44
C GLY B 41 9.36 11.02 26.18
N GLU B 42 9.27 11.35 27.46
CA GLU B 42 10.45 11.64 28.28
C GLU B 42 11.23 10.41 28.71
N GLN B 43 10.64 9.25 28.52
CA GLN B 43 11.32 8.01 28.84
C GLN B 43 12.36 7.82 27.73
N GLU B 44 12.02 8.28 26.54
CA GLU B 44 12.91 8.20 25.38
C GLU B 44 13.70 9.49 25.23
N LYS B 45 13.66 10.31 26.26
CA LYS B 45 14.37 11.59 26.29
C LYS B 45 14.23 12.37 24.98
N VAL B 46 13.01 12.43 24.45
CA VAL B 46 12.73 13.16 23.21
C VAL B 46 12.05 14.47 23.58
N ASP B 47 11.77 15.33 22.58
CA ASP B 47 11.12 16.65 22.79
C ASP B 47 9.68 16.43 23.30
N VAL B 48 9.55 16.32 24.61
CA VAL B 48 8.26 16.09 25.24
C VAL B 48 7.23 17.15 24.89
N PHE B 49 7.67 18.24 24.27
CA PHE B 49 6.73 19.30 23.90
C PHE B 49 5.98 18.92 22.63
N VAL B 50 6.72 18.83 21.52
CA VAL B 50 6.15 18.49 20.22
C VAL B 50 5.28 17.25 20.29
N VAL B 51 5.80 16.24 20.95
CA VAL B 51 5.04 15.01 21.07
C VAL B 51 3.69 15.29 21.73
N GLN B 52 3.68 16.12 22.76
CA GLN B 52 2.43 16.48 23.46
C GLN B 52 1.47 17.29 22.59
N ILE B 53 1.99 18.31 21.88
CA ILE B 53 1.18 19.16 20.98
C ILE B 53 0.64 18.29 19.85
N ALA B 54 1.52 17.45 19.31
CA ALA B 54 1.15 16.53 18.24
C ALA B 54 -0.03 15.68 18.69
N ALA B 55 0.18 14.96 19.79
CA ALA B 55 -0.82 14.07 20.37
C ALA B 55 -2.17 14.75 20.43
N LEU B 56 -2.18 16.01 20.87
CA LEU B 56 -3.41 16.77 21.01
C LEU B 56 -4.19 16.99 19.74
N PHE B 57 -3.48 17.26 18.65
CA PHE B 57 -4.12 17.53 17.36
C PHE B 57 -4.14 16.34 16.37
N HIS B 58 -3.41 15.28 16.72
CA HIS B 58 -3.32 14.06 15.92
C HIS B 58 -4.67 13.65 15.33
N ASP B 59 -5.70 13.64 16.17
CA ASP B 59 -7.04 13.25 15.75
C ASP B 59 -7.79 14.34 14.98
N LEU B 60 -8.05 15.49 15.61
CA LEU B 60 -8.78 16.55 14.92
C LEU B 60 -8.15 16.95 13.59
N ILE B 61 -8.64 16.34 12.51
CA ILE B 61 -8.17 16.59 11.15
C ILE B 61 -9.19 16.01 10.16
N ASP B 62 -9.91 14.96 10.58
CA ASP B 62 -10.89 14.29 9.72
C ASP B 62 -12.25 14.11 10.42
N GLU B 70 -5.28 20.73 4.87
CA GLU B 70 -5.69 22.01 4.30
C GLU B 70 -5.93 23.02 5.43
N THR B 71 -6.96 23.85 5.28
CA THR B 71 -7.35 24.88 6.26
C THR B 71 -7.34 24.34 7.70
N ALA B 72 -7.69 23.07 7.84
CA ALA B 72 -7.73 22.45 9.16
C ALA B 72 -6.36 22.54 9.80
N LYS B 73 -5.35 22.10 9.05
CA LYS B 73 -3.97 22.12 9.50
C LYS B 73 -3.52 23.56 9.76
N GLN B 74 -3.76 24.43 8.79
CA GLN B 74 -3.39 25.83 8.90
C GLN B 74 -3.94 26.41 10.19
N GLN B 75 -5.21 26.14 10.47
CA GLN B 75 -5.88 26.61 11.70
C GLN B 75 -4.93 26.50 12.91
N LEU B 76 -4.18 25.40 12.95
CA LEU B 76 -3.22 25.14 14.04
C LEU B 76 -1.92 25.85 13.76
N ILE B 77 -1.36 25.62 12.59
CA ILE B 77 -0.10 26.24 12.20
C ILE B 77 -0.17 27.73 12.54
N ASP B 78 -1.36 28.30 12.51
CA ASP B 78 -1.50 29.72 12.84
C ASP B 78 -1.50 29.88 14.35
N TRP B 79 -2.49 29.29 15.01
CA TRP B 79 -2.62 29.35 16.47
C TRP B 79 -1.27 29.15 17.13
N MSE B 80 -0.49 28.25 16.55
CA MSE B 80 0.84 27.87 17.02
C MSE B 80 1.83 29.02 16.89
O MSE B 80 2.50 29.38 17.85
CB MSE B 80 1.30 26.65 16.22
CG MSE B 80 2.38 25.79 16.87
SE MSE B 80 1.93 23.94 16.64
CE MSE B 80 1.81 23.79 14.70
N GLU B 81 1.92 29.59 15.70
CA GLU B 81 2.85 30.69 15.51
C GLU B 81 2.56 31.80 16.51
N ALA B 82 1.29 31.94 16.87
CA ALA B 82 0.86 32.96 17.83
C ALA B 82 1.20 32.54 19.25
N ALA B 83 1.85 31.39 19.37
CA ALA B 83 2.24 30.88 20.68
C ALA B 83 3.75 31.04 20.81
N GLY B 84 4.40 31.49 19.73
CA GLY B 84 5.83 31.68 19.77
C GLY B 84 6.62 30.42 19.50
N VAL B 85 5.93 29.37 19.10
CA VAL B 85 6.60 28.13 18.81
C VAL B 85 7.58 28.39 17.67
N PRO B 86 8.88 28.18 17.91
CA PRO B 86 9.91 28.40 16.88
C PRO B 86 9.64 27.64 15.58
N SER B 87 9.94 28.28 14.44
CA SER B 87 9.68 27.67 13.13
C SER B 87 10.06 26.18 13.02
N GLN B 88 11.24 25.84 13.50
CA GLN B 88 11.64 24.45 13.42
C GLN B 88 10.65 23.59 14.17
N LYS B 89 10.34 23.94 15.42
CA LYS B 89 9.41 23.14 16.20
C LYS B 89 8.04 23.05 15.54
N ILE B 90 7.44 24.21 15.29
CA ILE B 90 6.12 24.28 14.68
C ILE B 90 6.07 23.49 13.36
N ASP B 91 7.14 23.58 12.59
CA ASP B 91 7.23 22.85 11.31
C ASP B 91 7.50 21.37 11.58
N HIS B 92 7.76 21.02 12.84
CA HIS B 92 8.05 19.65 13.23
C HIS B 92 6.84 19.04 13.93
N THR B 93 6.01 19.90 14.50
CA THR B 93 4.83 19.43 15.21
C THR B 93 3.93 18.66 14.29
N MSE B 94 3.11 19.37 13.52
CA MSE B 94 2.20 18.69 12.60
C MSE B 94 2.95 17.86 11.55
O MSE B 94 2.33 17.12 10.78
CB MSE B 94 1.19 19.69 11.98
CG MSE B 94 1.67 21.10 11.73
SE MSE B 94 3.21 21.04 10.65
CE MSE B 94 2.42 21.23 8.89
N ASP B 95 4.28 17.95 11.55
CA ASP B 95 5.12 17.18 10.61
C ASP B 95 4.83 15.70 10.84
N ILE B 96 4.62 15.35 12.10
CA ILE B 96 4.33 13.99 12.47
C ILE B 96 2.82 13.80 12.44
N ILE B 97 2.10 14.88 12.58
CA ILE B 97 0.65 14.84 12.59
C ILE B 97 0.06 14.08 11.42
N ASN B 98 0.40 14.53 10.21
CA ASN B 98 -0.14 13.89 9.01
C ASN B 98 0.39 12.46 8.81
N THR B 99 1.70 12.33 8.71
CA THR B 99 2.34 11.04 8.51
C THR B 99 2.23 10.09 9.73
N ILE B 100 1.02 9.64 10.03
CA ILE B 100 0.80 8.76 11.18
C ILE B 100 -0.26 7.69 10.85
N ALA B 111 9.91 8.42 10.31
CA ALA B 111 10.15 9.84 10.04
C ALA B 111 11.04 10.49 11.11
N THR B 112 10.59 10.45 12.36
CA THR B 112 11.32 11.04 13.52
C THR B 112 11.03 10.27 14.80
N ARG B 113 11.92 10.38 15.77
CA ARG B 113 11.68 9.68 17.02
C ARG B 113 10.42 10.20 17.72
N GLU B 114 10.27 11.52 17.84
CA GLU B 114 9.10 12.10 18.52
C GLU B 114 7.82 11.63 17.86
N ALA B 115 7.92 11.38 16.55
CA ALA B 115 6.79 10.89 15.78
C ALA B 115 6.49 9.49 16.28
N MSE B 116 7.54 8.69 16.44
CA MSE B 116 7.40 7.32 16.92
C MSE B 116 6.71 7.23 18.27
O MSE B 116 5.93 6.31 18.51
CB MSE B 116 8.78 6.67 17.03
CG MSE B 116 9.52 6.49 15.72
SE MSE B 116 11.26 5.62 15.97
CE MSE B 116 12.45 7.03 15.29
N VAL B 117 7.00 8.17 19.16
CA VAL B 117 6.37 8.15 20.47
C VAL B 117 4.87 8.39 20.30
N VAL B 118 4.51 9.36 19.49
CA VAL B 118 3.10 9.65 19.28
C VAL B 118 2.41 8.49 18.58
N GLN B 119 3.15 7.78 17.76
CA GLN B 119 2.61 6.64 17.04
C GLN B 119 2.18 5.55 18.02
N ASP B 120 3.07 5.22 18.95
CA ASP B 120 2.85 4.19 19.96
C ASP B 120 1.72 4.54 20.90
N ALA B 121 1.81 5.72 21.49
CA ALA B 121 0.79 6.21 22.40
C ALA B 121 -0.60 6.06 21.82
N ASP B 122 -0.77 6.32 20.52
CA ASP B 122 -2.08 6.21 19.88
C ASP B 122 -2.49 4.75 19.70
N ARG B 123 -1.57 3.92 19.24
CA ARG B 123 -1.86 2.52 19.03
C ARG B 123 -1.80 1.73 20.35
N LEU B 124 -1.13 2.30 21.33
CA LEU B 124 -1.03 1.65 22.61
C LEU B 124 -2.38 1.73 23.32
N ASP B 125 -3.25 2.56 22.79
CA ASP B 125 -4.58 2.73 23.37
C ASP B 125 -5.61 1.71 22.85
N ALA B 126 -5.21 0.86 21.91
CA ALA B 126 -6.12 -0.13 21.35
C ALA B 126 -6.05 -1.37 22.18
N LEU B 127 -5.05 -1.44 23.05
CA LEU B 127 -4.84 -2.60 23.94
C LEU B 127 -5.19 -2.24 25.37
N GLY B 128 -5.27 -3.25 26.23
CA GLY B 128 -5.56 -3.04 27.63
C GLY B 128 -7.02 -3.22 28.00
N ALA B 129 -7.36 -2.93 29.25
CA ALA B 129 -8.74 -3.07 29.73
C ALA B 129 -9.69 -2.25 28.88
N ILE B 130 -9.27 -1.03 28.59
CA ILE B 130 -10.05 -0.12 27.77
C ILE B 130 -10.19 -0.74 26.38
N GLY B 131 -9.10 -1.31 25.87
CA GLY B 131 -9.14 -1.95 24.57
C GLY B 131 -10.13 -3.11 24.58
N ILE B 132 -10.14 -3.90 25.65
CA ILE B 132 -11.05 -5.03 25.77
C ILE B 132 -12.48 -4.54 25.77
N ALA B 133 -12.75 -3.49 26.53
CA ALA B 133 -14.09 -2.95 26.59
C ALA B 133 -14.51 -2.39 25.24
N ARG B 134 -13.66 -1.55 24.66
CA ARG B 134 -13.97 -0.94 23.38
C ARG B 134 -14.21 -1.98 22.29
N THR B 135 -13.57 -3.14 22.41
CA THR B 135 -13.77 -4.15 21.40
C THR B 135 -15.18 -4.69 21.53
N PHE B 136 -15.48 -5.27 22.67
CA PHE B 136 -16.80 -5.82 22.89
C PHE B 136 -17.89 -4.80 22.72
N ALA B 137 -17.54 -3.53 22.85
CA ALA B 137 -18.51 -2.45 22.70
C ALA B 137 -18.88 -2.30 21.23
N TYR B 138 -17.86 -2.11 20.39
CA TYR B 138 -18.04 -1.99 18.95
C TYR B 138 -18.75 -3.22 18.42
N SER B 139 -18.45 -4.37 18.99
CA SER B 139 -19.08 -5.60 18.56
C SER B 139 -20.59 -5.52 18.77
N GLY B 140 -20.98 -4.99 19.93
CA GLY B 140 -22.39 -4.87 20.27
C GLY B 140 -23.05 -3.90 19.33
N ASN B 141 -22.30 -2.88 18.93
CA ASN B 141 -22.82 -1.88 18.02
C ASN B 141 -22.92 -2.43 16.60
N LYS B 142 -21.96 -3.25 16.21
CA LYS B 142 -21.96 -3.86 14.87
C LYS B 142 -23.06 -4.93 14.75
N GLY B 143 -23.57 -5.37 15.91
CA GLY B 143 -24.61 -6.38 15.93
C GLY B 143 -24.08 -7.76 15.64
N GLN B 144 -22.85 -8.05 16.06
CA GLN B 144 -22.29 -9.35 15.82
C GLN B 144 -22.11 -10.03 17.16
N PRO B 145 -21.73 -11.31 17.14
CA PRO B 145 -21.53 -12.04 18.38
C PRO B 145 -20.24 -11.70 19.13
N ILE B 146 -20.31 -11.77 20.45
CA ILE B 146 -19.15 -11.50 21.27
C ILE B 146 -18.16 -12.57 20.92
N TYR B 147 -18.65 -13.78 20.72
CA TYR B 147 -17.80 -14.89 20.39
C TYR B 147 -18.63 -16.00 19.78
N ASP B 148 -18.10 -16.66 18.75
CA ASP B 148 -18.81 -17.78 18.09
C ASP B 148 -17.78 -18.88 17.88
N PRO B 149 -17.90 -20.00 18.62
CA PRO B 149 -16.97 -21.13 18.51
C PRO B 149 -17.04 -21.86 17.18
N GLU B 150 -18.10 -21.61 16.41
CA GLU B 150 -18.29 -22.21 15.08
C GLU B 150 -17.50 -21.40 14.05
N LEU B 151 -17.32 -20.10 14.34
CA LEU B 151 -16.59 -19.14 13.49
C LEU B 151 -15.09 -19.16 13.78
N PRO B 152 -14.29 -19.61 12.79
CA PRO B 152 -12.83 -19.68 12.92
C PRO B 152 -12.17 -18.32 12.68
N ILE B 153 -11.10 -18.07 13.41
CA ILE B 153 -10.36 -16.82 13.31
C ILE B 153 -9.79 -16.59 11.93
N ARG B 154 -9.16 -15.44 11.74
CA ARG B 154 -8.56 -15.10 10.47
C ARG B 154 -7.17 -14.52 10.65
N MSE B 157 -6.69 -11.81 4.26
CA MSE B 157 -7.71 -10.88 4.72
C MSE B 157 -7.43 -9.46 4.25
O MSE B 157 -6.32 -8.96 4.42
CB MSE B 157 -7.78 -10.92 6.24
CG MSE B 157 -8.70 -9.87 6.85
SE MSE B 157 -8.72 -9.83 8.79
CE MSE B 157 -6.95 -9.18 9.13
N THR B 158 -8.43 -8.79 3.65
CA THR B 158 -8.27 -7.40 3.17
C THR B 158 -9.57 -6.71 2.75
N VAL B 159 -10.12 -7.17 1.63
CA VAL B 159 -11.37 -6.62 1.11
C VAL B 159 -12.56 -7.11 1.91
N GLU B 160 -12.62 -8.42 2.14
CA GLU B 160 -13.71 -9.00 2.90
C GLU B 160 -13.64 -8.62 4.37
N GLU B 161 -12.62 -7.85 4.74
CA GLU B 161 -12.44 -7.45 6.12
C GLU B 161 -13.77 -6.97 6.73
N TYR B 162 -14.10 -5.70 6.56
CA TYR B 162 -15.35 -5.17 7.10
C TYR B 162 -16.40 -4.98 6.01
N ARG B 163 -16.03 -5.25 4.76
CA ARG B 163 -16.99 -5.10 3.67
C ARG B 163 -18.09 -6.17 3.70
N HIS B 164 -17.85 -7.28 4.40
CA HIS B 164 -18.84 -8.36 4.50
C HIS B 164 -18.40 -9.38 5.56
N GLY B 165 -17.09 -9.64 5.62
CA GLY B 165 -16.52 -10.61 6.56
C GLY B 165 -17.06 -10.60 7.99
N LYS B 166 -18.05 -11.44 8.24
CA LYS B 166 -18.67 -11.53 9.56
C LYS B 166 -17.67 -12.11 10.57
N SER B 167 -17.23 -11.28 11.50
CA SER B 167 -16.26 -11.69 12.52
C SER B 167 -16.87 -11.64 13.92
N THR B 168 -16.03 -11.88 14.93
CA THR B 168 -16.45 -11.85 16.32
C THR B 168 -15.47 -11.01 17.14
N ALA B 169 -15.98 -10.50 18.25
CA ALA B 169 -15.20 -9.69 19.16
C ALA B 169 -13.92 -10.44 19.50
N ILE B 170 -14.07 -11.63 20.06
CA ILE B 170 -12.93 -12.44 20.41
C ILE B 170 -11.97 -12.61 19.23
N ASN B 171 -12.50 -12.91 18.06
CA ASN B 171 -11.63 -13.08 16.90
C ASN B 171 -10.86 -11.82 16.58
N HIS B 172 -11.50 -10.67 16.76
CA HIS B 172 -10.85 -9.39 16.49
C HIS B 172 -9.62 -9.25 17.39
N PHE B 173 -9.60 -10.00 18.49
CA PHE B 173 -8.46 -9.96 19.37
C PHE B 173 -7.28 -10.65 18.68
N TYR B 174 -7.54 -11.81 18.09
CA TYR B 174 -6.50 -12.54 17.41
C TYR B 174 -6.23 -12.02 15.99
N GLU B 175 -7.14 -11.22 15.47
CA GLU B 175 -6.97 -10.71 14.12
C GLU B 175 -6.26 -9.37 13.97
N LYS B 176 -6.55 -8.44 14.87
CA LYS B 176 -5.94 -7.12 14.79
C LYS B 176 -5.18 -6.72 16.08
N LEU B 177 -5.88 -6.72 17.20
CA LEU B 177 -5.25 -6.32 18.46
C LEU B 177 -3.96 -7.03 18.89
N PHE B 178 -4.05 -8.33 19.13
CA PHE B 178 -2.92 -9.10 19.57
C PHE B 178 -1.69 -9.04 18.73
N LYS B 179 -1.75 -8.31 17.62
CA LYS B 179 -0.58 -8.20 16.76
C LYS B 179 -0.14 -6.77 16.68
N LEU B 180 -0.08 -6.14 17.84
CA LEU B 180 0.33 -4.76 17.90
C LEU B 180 1.68 -4.60 18.57
N LYS B 181 1.92 -5.35 19.63
CA LYS B 181 3.17 -5.26 20.38
C LYS B 181 4.38 -5.18 19.45
N ASP B 182 4.25 -5.83 18.31
CA ASP B 182 5.32 -5.86 17.31
C ASP B 182 5.36 -4.53 16.56
N LEU B 183 4.20 -4.11 16.08
CA LEU B 183 4.09 -2.87 15.34
C LEU B 183 4.53 -1.67 16.18
N MSE B 184 4.93 -1.91 17.42
CA MSE B 184 5.36 -0.81 18.29
C MSE B 184 6.66 -0.21 17.76
O MSE B 184 7.17 -0.61 16.72
CB MSE B 184 5.55 -1.31 19.72
CG MSE B 184 5.14 -0.33 20.81
SE MSE B 184 3.22 0.02 20.86
CE MSE B 184 2.53 -1.78 20.62
N ASN B 185 7.21 0.77 18.50
CA ASN B 185 8.44 1.41 18.08
C ASN B 185 9.34 1.69 19.27
N THR B 186 8.87 2.58 20.15
CA THR B 186 9.64 2.95 21.32
C THR B 186 9.93 1.71 22.13
N GLU B 187 11.12 1.65 22.69
CA GLU B 187 11.46 0.50 23.50
C GLU B 187 10.47 0.43 24.65
N THR B 188 10.21 1.57 25.28
CA THR B 188 9.25 1.58 26.40
C THR B 188 7.90 1.18 25.85
N GLY B 189 7.68 1.48 24.56
CA GLY B 189 6.43 1.13 23.92
C GLY B 189 6.16 -0.37 23.99
N LYS B 190 7.13 -1.18 23.57
CA LYS B 190 6.98 -2.63 23.60
C LYS B 190 6.74 -3.02 25.05
N GLN B 191 7.42 -2.33 25.96
CA GLN B 191 7.26 -2.62 27.38
C GLN B 191 5.78 -2.60 27.75
N LEU B 192 5.14 -1.44 27.60
CA LEU B 192 3.73 -1.28 27.94
C LEU B 192 2.85 -2.19 27.11
N ALA B 193 3.13 -2.27 25.82
CA ALA B 193 2.35 -3.10 24.93
C ALA B 193 2.38 -4.52 25.45
N LYS B 194 3.46 -4.87 26.13
CA LYS B 194 3.62 -6.21 26.65
C LYS B 194 2.71 -6.43 27.86
N GLU B 195 2.81 -5.53 28.84
CA GLU B 195 2.00 -5.64 30.04
C GLU B 195 0.54 -5.61 29.68
N ARG B 196 0.23 -5.03 28.52
CA ARG B 196 -1.15 -4.94 28.07
C ARG B 196 -1.58 -6.26 27.46
N HIS B 197 -0.78 -6.75 26.53
CA HIS B 197 -1.03 -8.01 25.83
C HIS B 197 -1.31 -9.15 26.79
N VAL B 198 -0.55 -9.23 27.86
CA VAL B 198 -0.75 -10.30 28.82
C VAL B 198 -2.14 -10.23 29.45
N PHE B 199 -2.53 -9.05 29.92
CA PHE B 199 -3.84 -8.90 30.55
C PHE B 199 -4.95 -9.39 29.65
N MSE B 200 -4.82 -9.16 28.36
CA MSE B 200 -5.84 -9.58 27.41
C MSE B 200 -5.77 -11.09 27.31
O MSE B 200 -6.80 -11.74 27.26
CB MSE B 200 -5.60 -8.97 26.06
CG MSE B 200 -5.36 -7.50 26.16
SE MSE B 200 -5.37 -6.70 24.48
CE MSE B 200 -6.78 -5.37 24.81
N GLU B 201 -4.56 -11.63 27.26
CA GLU B 201 -4.42 -13.08 27.19
C GLU B 201 -5.01 -13.63 28.48
N GLN B 202 -4.82 -12.89 29.56
CA GLN B 202 -5.34 -13.25 30.87
C GLN B 202 -6.86 -13.33 30.83
N PHE B 203 -7.46 -12.32 30.21
CA PHE B 203 -8.93 -12.21 30.09
C PHE B 203 -9.54 -13.17 29.08
N ILE B 204 -8.98 -13.22 27.88
CA ILE B 204 -9.54 -14.09 26.86
C ILE B 204 -9.44 -15.55 27.29
N GLU B 205 -8.54 -15.86 28.22
CA GLU B 205 -8.43 -17.25 28.65
C GLU B 205 -9.48 -17.52 29.72
N ARG B 206 -9.66 -16.55 30.63
CA ARG B 206 -10.67 -16.67 31.71
C ARG B 206 -12.04 -16.70 31.05
N PHE B 207 -12.12 -16.07 29.88
CA PHE B 207 -13.37 -16.00 29.16
C PHE B 207 -13.74 -17.33 28.55
N LEU B 208 -12.75 -17.99 27.95
CA LEU B 208 -13.00 -19.26 27.30
C LEU B 208 -13.22 -20.37 28.34
N SER B 209 -12.39 -20.40 29.38
CA SER B 209 -12.55 -21.41 30.42
C SER B 209 -13.97 -21.29 31.00
N GLU B 210 -14.45 -20.06 31.13
CA GLU B 210 -15.80 -19.80 31.62
C GLU B 210 -16.78 -20.24 30.53
N TRP B 211 -16.37 -20.14 29.28
CA TRP B 211 -17.24 -20.51 28.18
C TRP B 211 -17.85 -21.88 28.37
N ASN B 212 -17.11 -22.73 29.09
CA ASN B 212 -17.51 -24.13 29.38
C ASN B 212 -17.51 -24.43 30.91
N GLY B 213 -16.35 -24.85 31.43
CA GLY B 213 -16.26 -25.14 32.86
C GLY B 213 -14.92 -25.66 33.36
N ASN C 2 -17.04 15.83 -0.57
CA ASN C 2 -16.22 16.53 -1.61
C ASN C 2 -16.04 15.64 -2.86
N GLU C 3 -15.47 16.17 -3.94
CA GLU C 3 -15.27 15.36 -5.13
C GLU C 3 -13.91 15.58 -5.80
N GLN C 4 -13.70 16.80 -6.27
CA GLN C 4 -12.46 17.21 -6.95
C GLN C 4 -11.29 17.49 -5.98
N ALA C 5 -11.61 17.73 -4.71
CA ALA C 5 -10.60 18.04 -3.68
C ALA C 5 -9.96 16.76 -3.11
N ILE C 6 -10.77 15.72 -2.94
CA ILE C 6 -10.28 14.45 -2.43
C ILE C 6 -9.07 14.04 -3.25
N LEU C 7 -9.16 14.27 -4.56
CA LEU C 7 -8.09 13.95 -5.49
C LEU C 7 -6.86 14.80 -5.22
N GLN C 8 -7.06 16.10 -5.23
CA GLN C 8 -5.98 17.05 -4.99
C GLN C 8 -5.16 16.66 -3.77
N SER C 9 -5.83 16.10 -2.78
CA SER C 9 -5.16 15.67 -1.55
C SER C 9 -4.29 14.46 -1.81
N ALA C 10 -4.86 13.47 -2.46
CA ALA C 10 -4.15 12.25 -2.80
C ALA C 10 -3.00 12.58 -3.77
N GLU C 11 -3.29 13.39 -4.79
CA GLU C 11 -2.28 13.75 -5.78
C GLU C 11 -1.04 14.30 -5.11
N ALA C 12 -1.18 14.69 -3.84
CA ALA C 12 -0.07 15.24 -3.07
C ALA C 12 0.62 14.18 -2.25
N TRP C 13 -0.16 13.35 -1.58
CA TRP C 13 0.39 12.27 -0.77
C TRP C 13 1.22 11.31 -1.62
N VAL C 14 0.63 10.83 -2.71
CA VAL C 14 1.30 9.91 -3.62
C VAL C 14 2.54 10.58 -4.20
N LYS C 15 2.61 11.91 -4.09
CA LYS C 15 3.75 12.65 -4.63
C LYS C 15 4.85 12.76 -3.58
N LYS C 16 4.46 13.02 -2.33
CA LYS C 16 5.43 13.16 -1.27
C LYS C 16 6.10 11.84 -0.90
N GLN C 17 5.29 10.82 -0.60
CA GLN C 17 5.82 9.50 -0.22
C GLN C 17 6.78 8.96 -1.27
N LEU C 18 6.62 9.42 -2.51
CA LEU C 18 7.47 8.99 -3.63
C LEU C 18 8.72 9.82 -3.82
N MSE C 19 8.71 11.06 -3.33
CA MSE C 19 9.86 11.95 -3.46
C MSE C 19 10.89 11.70 -2.36
O MSE C 19 11.62 12.61 -1.95
CB MSE C 19 9.40 13.43 -3.45
CG MSE C 19 10.10 14.34 -4.49
SE MSE C 19 9.03 14.94 -6.10
CE MSE C 19 8.86 13.25 -7.03
N ASP C 20 10.95 10.46 -1.87
CA ASP C 20 11.90 10.07 -0.83
C ASP C 20 12.58 8.75 -1.19
N GLU C 21 12.85 8.56 -2.48
CA GLU C 21 13.49 7.36 -2.99
C GLU C 21 14.97 7.62 -3.25
N ASP C 26 9.69 8.06 -11.59
CA ASP C 26 8.97 7.18 -10.67
C ASP C 26 7.54 7.68 -10.47
N TRP C 27 7.39 8.89 -9.92
CA TRP C 27 6.07 9.47 -9.70
C TRP C 27 5.49 9.94 -11.02
N TYR C 28 6.32 10.47 -11.90
CA TYR C 28 5.86 10.94 -13.21
C TYR C 28 5.02 9.88 -13.92
N HIS C 29 5.45 8.62 -13.88
CA HIS C 29 4.69 7.54 -14.52
C HIS C 29 3.28 7.57 -13.95
N ILE C 30 3.19 7.68 -12.62
CA ILE C 30 1.91 7.73 -11.91
C ILE C 30 1.10 8.94 -12.36
N ARG C 31 1.79 10.05 -12.62
CA ARG C 31 1.11 11.26 -13.07
C ARG C 31 0.53 11.08 -14.45
N ARG C 32 1.39 10.80 -15.43
CA ARG C 32 0.89 10.64 -16.77
C ARG C 32 -0.11 9.50 -16.93
N VAL C 33 0.13 8.37 -16.27
CA VAL C 33 -0.81 7.27 -16.37
C VAL C 33 -2.17 7.74 -15.82
N THR C 34 -2.14 8.59 -14.82
CA THR C 34 -3.38 9.08 -14.24
C THR C 34 -4.09 10.02 -15.20
N LEU C 35 -3.36 11.00 -15.72
CA LEU C 35 -3.94 11.96 -16.66
C LEU C 35 -4.66 11.27 -17.82
N MSE C 36 -4.04 10.22 -18.34
CA MSE C 36 -4.63 9.45 -19.43
C MSE C 36 -5.90 8.76 -18.97
O MSE C 36 -6.97 8.96 -19.55
CB MSE C 36 -3.65 8.40 -19.95
CG MSE C 36 -2.59 8.98 -20.85
SE MSE C 36 -1.37 7.64 -21.48
CE MSE C 36 0.30 8.31 -20.71
N ALA C 37 -5.77 7.98 -17.91
CA ALA C 37 -6.89 7.27 -17.34
C ALA C 37 -8.07 8.24 -17.27
N LYS C 38 -7.77 9.50 -16.96
CA LYS C 38 -8.80 10.55 -16.87
C LYS C 38 -9.40 10.78 -18.26
N ALA C 39 -8.63 11.40 -19.14
CA ALA C 39 -9.09 11.66 -20.49
C ALA C 39 -9.82 10.43 -20.98
N ILE C 40 -9.14 9.30 -21.00
CA ILE C 40 -9.78 8.08 -21.47
C ILE C 40 -11.02 7.78 -20.65
N GLY C 41 -10.97 8.16 -19.39
CA GLY C 41 -12.07 7.92 -18.50
C GLY C 41 -13.37 8.57 -18.93
N GLU C 42 -13.37 9.89 -19.07
CA GLU C 42 -14.59 10.62 -19.44
C GLU C 42 -14.98 10.50 -20.90
N GLN C 43 -14.08 9.94 -21.69
CA GLN C 43 -14.35 9.73 -23.10
C GLN C 43 -15.32 8.52 -23.13
N GLU C 44 -15.14 7.63 -22.17
CA GLU C 44 -15.95 6.44 -22.05
C GLU C 44 -17.11 6.68 -21.06
N LYS C 45 -17.30 7.95 -20.73
CA LYS C 45 -18.34 8.34 -19.79
C LYS C 45 -18.45 7.42 -18.57
N VAL C 46 -17.32 7.10 -17.98
CA VAL C 46 -17.27 6.25 -16.78
C VAL C 46 -16.98 7.15 -15.58
N ASP C 47 -16.98 6.56 -14.37
CA ASP C 47 -16.73 7.32 -13.13
C ASP C 47 -15.29 7.86 -13.13
N VAL C 48 -15.13 9.06 -13.67
CA VAL C 48 -13.83 9.68 -13.77
C VAL C 48 -13.15 9.84 -12.42
N PHE C 49 -13.90 9.62 -11.33
CA PHE C 49 -13.30 9.75 -10.01
C PHE C 49 -12.48 8.52 -9.65
N VAL C 50 -13.18 7.39 -9.51
CA VAL C 50 -12.55 6.12 -9.14
C VAL C 50 -11.36 5.81 -10.04
N VAL C 51 -11.54 6.02 -11.33
CA VAL C 51 -10.47 5.74 -12.24
C VAL C 51 -9.25 6.59 -11.87
N GLN C 52 -9.47 7.86 -11.54
CA GLN C 52 -8.37 8.77 -11.16
C GLN C 52 -7.68 8.33 -9.85
N ILE C 53 -8.49 8.04 -8.82
CA ILE C 53 -7.97 7.58 -7.52
C ILE C 53 -7.23 6.26 -7.72
N ALA C 54 -7.84 5.35 -8.48
CA ALA C 54 -7.25 4.06 -8.78
C ALA C 54 -5.86 4.28 -9.38
N ALA C 55 -5.83 5.04 -10.48
CA ALA C 55 -4.62 5.37 -11.21
C ALA C 55 -3.53 5.80 -10.26
N LEU C 56 -3.85 6.68 -9.33
CA LEU C 56 -2.89 7.20 -8.37
C LEU C 56 -2.21 6.16 -7.48
N PHE C 57 -2.98 5.19 -7.01
CA PHE C 57 -2.46 4.17 -6.12
C PHE C 57 -2.10 2.83 -6.78
N HIS C 58 -2.49 2.69 -8.06
CA HIS C 58 -2.24 1.48 -8.86
C HIS C 58 -0.83 0.93 -8.64
N ASP C 59 0.16 1.82 -8.68
CA ASP C 59 1.56 1.42 -8.50
C ASP C 59 1.96 1.17 -7.04
N LEU C 60 1.90 2.20 -6.20
CA LEU C 60 2.27 2.03 -4.78
C LEU C 60 1.55 0.87 -4.09
N ILE C 61 2.18 -0.30 -4.12
CA ILE C 61 1.65 -1.51 -3.50
C ILE C 61 2.77 -2.53 -3.35
N ASP C 62 3.75 -2.48 -4.25
CA ASP C 62 4.87 -3.41 -4.25
C ASP C 62 6.23 -2.71 -4.30
N GLU C 70 -2.43 -6.08 1.76
CA GLU C 70 -2.41 -6.09 3.23
C GLU C 70 -2.46 -4.65 3.76
N THR C 71 -1.71 -4.38 4.83
CA THR C 71 -1.60 -3.06 5.46
C THR C 71 -1.44 -1.93 4.45
N ALA C 72 -0.74 -2.21 3.37
CA ALA C 72 -0.52 -1.23 2.33
C ALA C 72 -1.85 -0.76 1.78
N LYS C 73 -2.67 -1.73 1.40
CA LYS C 73 -4.00 -1.45 0.87
C LYS C 73 -4.85 -0.72 1.91
N GLN C 74 -4.87 -1.27 3.13
CA GLN C 74 -5.63 -0.68 4.24
C GLN C 74 -5.27 0.79 4.41
N GLN C 75 -3.96 1.07 4.42
CA GLN C 75 -3.46 2.44 4.55
C GLN C 75 -4.32 3.42 3.73
N LEU C 76 -4.73 2.97 2.54
CA LEU C 76 -5.54 3.78 1.64
C LEU C 76 -7.01 3.67 2.01
N ILE C 77 -7.49 2.43 2.11
CA ILE C 77 -8.88 2.19 2.45
C ILE C 77 -9.26 3.05 3.66
N ASP C 78 -8.28 3.36 4.50
CA ASP C 78 -8.53 4.20 5.67
C ASP C 78 -8.57 5.65 5.25
N TRP C 79 -7.44 6.14 4.73
CA TRP C 79 -7.34 7.53 4.27
C TRP C 79 -8.57 7.95 3.47
N MSE C 80 -9.05 7.00 2.66
CA MSE C 80 -10.20 7.17 1.79
C MSE C 80 -11.47 7.35 2.60
O MSE C 80 -12.22 8.31 2.38
CB MSE C 80 -10.30 5.93 0.89
CG MSE C 80 -11.07 6.09 -0.42
SE MSE C 80 -10.11 5.20 -1.91
CE MSE C 80 -9.95 3.39 -1.19
N GLU C 81 -11.75 6.44 3.53
CA GLU C 81 -12.96 6.58 4.33
C GLU C 81 -12.98 7.94 5.02
N ALA C 82 -11.80 8.45 5.33
CA ALA C 82 -11.67 9.74 5.99
C ALA C 82 -11.86 10.87 5.00
N ALA C 83 -12.17 10.51 3.76
CA ALA C 83 -12.40 11.50 2.72
C ALA C 83 -13.89 11.52 2.38
N GLY C 84 -14.64 10.61 3.00
CA GLY C 84 -16.07 10.57 2.76
C GLY C 84 -16.45 9.78 1.52
N VAL C 85 -15.48 9.08 0.97
CA VAL C 85 -15.77 8.30 -0.21
C VAL C 85 -16.79 7.24 0.19
N PRO C 86 -17.97 7.26 -0.45
CA PRO C 86 -19.03 6.28 -0.16
C PRO C 86 -18.56 4.82 -0.25
N SER C 87 -19.02 3.97 0.67
CA SER C 87 -18.62 2.55 0.72
C SER C 87 -18.58 1.89 -0.65
N GLN C 88 -19.60 2.11 -1.48
CA GLN C 88 -19.60 1.50 -2.79
C GLN C 88 -18.39 1.97 -3.58
N LYS C 89 -18.18 3.28 -3.64
CA LYS C 89 -17.04 3.79 -4.38
C LYS C 89 -15.72 3.28 -3.83
N ILE C 90 -15.48 3.55 -2.55
CA ILE C 90 -14.24 3.12 -1.90
C ILE C 90 -14.00 1.63 -2.08
N ASP C 91 -15.05 0.83 -2.02
CA ASP C 91 -14.93 -0.62 -2.20
C ASP C 91 -14.73 -0.94 -3.68
N HIS C 92 -14.91 0.06 -4.52
CA HIS C 92 -14.77 -0.09 -5.97
C HIS C 92 -13.43 0.45 -6.44
N THR C 93 -12.87 1.38 -5.68
CA THR C 93 -11.60 1.97 -6.05
C THR C 93 -10.52 0.92 -6.14
N MSE C 94 -9.95 0.55 -5.00
CA MSE C 94 -8.89 -0.45 -5.01
C MSE C 94 -9.36 -1.80 -5.55
O MSE C 94 -8.55 -2.71 -5.77
CB MSE C 94 -8.23 -0.57 -3.60
CG MSE C 94 -9.13 -0.33 -2.40
SE MSE C 94 -10.62 -1.57 -2.49
CE MSE C 94 -9.90 -3.00 -1.41
N ASP C 95 -10.67 -1.93 -5.81
CA ASP C 95 -11.26 -3.15 -6.37
C ASP C 95 -10.57 -3.45 -7.70
N ILE C 96 -10.24 -2.39 -8.42
CA ILE C 96 -9.58 -2.51 -9.69
C ILE C 96 -8.08 -2.47 -9.44
N ILE C 97 -7.70 -1.85 -8.34
CA ILE C 97 -6.30 -1.72 -7.98
C ILE C 97 -5.52 -3.03 -8.03
N ASN C 98 -5.98 -4.00 -7.27
CA ASN C 98 -5.30 -5.29 -7.24
C ASN C 98 -5.39 -6.05 -8.57
N THR C 99 -6.61 -6.32 -9.01
CA THR C 99 -6.85 -7.05 -10.26
C THR C 99 -6.45 -6.27 -11.53
N ILE C 100 -5.16 -6.03 -11.71
CA ILE C 100 -4.67 -5.27 -12.87
C ILE C 100 -3.36 -5.85 -13.42
N ALA C 111 -13.26 -7.16 -15.27
CA ALA C 111 -13.92 -6.86 -14.00
C ALA C 111 -14.94 -5.72 -14.10
N THR C 112 -14.47 -4.53 -14.47
CA THR C 112 -15.32 -3.34 -14.59
C THR C 112 -14.84 -2.42 -15.68
N ARG C 113 -15.71 -1.56 -16.19
CA ARG C 113 -15.28 -0.63 -17.23
C ARG C 113 -14.21 0.35 -16.70
N GLU C 114 -14.48 0.97 -15.55
CA GLU C 114 -13.52 1.93 -14.97
C GLU C 114 -12.16 1.27 -14.78
N ALA C 115 -12.19 -0.04 -14.54
CA ALA C 115 -10.98 -0.83 -14.36
C ALA C 115 -10.27 -0.86 -15.70
N MSE C 116 -11.05 -1.10 -16.75
CA MSE C 116 -10.52 -1.15 -18.13
C MSE C 116 -9.82 0.14 -18.53
O MSE C 116 -8.80 0.11 -19.22
CB MSE C 116 -11.65 -1.44 -19.12
CG MSE C 116 -12.34 -2.80 -18.93
SE MSE C 116 -13.78 -3.05 -20.23
CE MSE C 116 -15.31 -3.28 -19.10
N VAL C 117 -10.37 1.28 -18.11
CA VAL C 117 -9.76 2.55 -18.44
C VAL C 117 -8.40 2.63 -17.78
N VAL C 118 -8.34 2.28 -16.50
CA VAL C 118 -7.08 2.34 -15.77
C VAL C 118 -6.09 1.35 -16.37
N GLN C 119 -6.60 0.22 -16.84
CA GLN C 119 -5.77 -0.80 -17.46
C GLN C 119 -4.99 -0.26 -18.67
N ASP C 120 -5.75 0.39 -19.56
CA ASP C 120 -5.22 0.96 -20.81
C ASP C 120 -4.24 2.09 -20.53
N ALA C 121 -4.67 3.05 -19.73
CA ALA C 121 -3.83 4.19 -19.36
C ALA C 121 -2.45 3.73 -18.91
N ASP C 122 -2.39 2.65 -18.13
CA ASP C 122 -1.10 2.14 -17.65
C ASP C 122 -0.29 1.50 -18.77
N ARG C 123 -0.94 0.63 -19.53
CA ARG C 123 -0.24 -0.03 -20.62
C ARG C 123 -0.06 0.90 -21.83
N LEU C 124 -0.87 1.94 -21.90
CA LEU C 124 -0.77 2.89 -23.00
C LEU C 124 0.52 3.71 -22.83
N ASP C 125 1.13 3.59 -21.65
CA ASP C 125 2.36 4.34 -21.35
C ASP C 125 3.63 3.60 -21.77
N ALA C 126 3.49 2.38 -22.27
CA ALA C 126 4.65 1.61 -22.68
C ALA C 126 4.97 1.92 -24.12
N LEU C 127 4.03 2.57 -24.79
CA LEU C 127 4.16 2.94 -26.20
C LEU C 127 4.39 4.44 -26.31
N GLY C 128 4.77 4.87 -27.51
CA GLY C 128 5.02 6.27 -27.75
C GLY C 128 6.48 6.69 -27.70
N ALA C 129 6.73 7.98 -27.81
CA ALA C 129 8.08 8.51 -27.78
C ALA C 129 8.74 8.09 -26.48
N ILE C 130 8.01 8.26 -25.39
CA ILE C 130 8.48 7.91 -24.05
C ILE C 130 8.76 6.42 -24.05
N GLY C 131 7.89 5.65 -24.69
CA GLY C 131 8.09 4.20 -24.74
C GLY C 131 9.37 3.88 -25.47
N ILE C 132 9.61 4.59 -26.57
CA ILE C 132 10.81 4.39 -27.38
C ILE C 132 12.05 4.69 -26.55
N ALA C 133 12.02 5.82 -25.85
CA ALA C 133 13.14 6.22 -25.01
C ALA C 133 13.36 5.20 -23.90
N ARG C 134 12.31 4.91 -23.15
CA ARG C 134 12.40 3.98 -22.04
C ARG C 134 12.91 2.61 -22.48
N THR C 135 12.67 2.24 -23.73
CA THR C 135 13.14 0.93 -24.18
C THR C 135 14.63 0.99 -24.33
N PHE C 136 15.10 1.86 -25.21
CA PHE C 136 16.52 1.97 -25.41
C PHE C 136 17.27 2.28 -24.15
N ALA C 137 16.56 2.84 -23.18
CA ALA C 137 17.17 3.21 -21.91
C ALA C 137 17.46 1.95 -21.13
N TYR C 138 16.42 1.16 -20.94
CA TYR C 138 16.55 -0.10 -20.20
C TYR C 138 17.59 -0.98 -20.89
N SER C 139 17.64 -0.91 -22.21
CA SER C 139 18.60 -1.70 -22.96
C SER C 139 20.02 -1.33 -22.55
N GLY C 140 20.27 -0.02 -22.45
CA GLY C 140 21.58 0.45 -22.06
C GLY C 140 21.92 0.02 -20.65
N ASN C 141 20.89 -0.04 -19.81
CA ASN C 141 21.08 -0.44 -18.44
C ASN C 141 21.33 -1.93 -18.38
N LYS C 142 20.65 -2.69 -19.23
CA LYS C 142 20.79 -4.15 -19.26
C LYS C 142 22.16 -4.54 -19.85
N GLY C 143 22.79 -3.59 -20.53
CA GLY C 143 24.08 -3.86 -21.13
C GLY C 143 23.96 -4.70 -22.38
N GLN C 144 22.89 -4.52 -23.14
CA GLN C 144 22.72 -5.27 -24.36
C GLN C 144 22.82 -4.31 -25.54
N PRO C 145 23.00 -4.84 -26.76
CA PRO C 145 23.12 -4.06 -28.00
C PRO C 145 21.82 -3.43 -28.38
N ILE C 146 21.89 -2.20 -28.86
CA ILE C 146 20.70 -1.49 -29.28
C ILE C 146 19.96 -2.28 -30.36
N TYR C 147 20.72 -2.87 -31.29
CA TYR C 147 20.14 -3.63 -32.39
C TYR C 147 21.13 -4.53 -33.14
N ASP C 148 20.65 -5.68 -33.59
CA ASP C 148 21.49 -6.61 -34.31
C ASP C 148 20.75 -7.19 -35.52
N PRO C 149 21.27 -6.94 -36.74
CA PRO C 149 20.67 -7.43 -37.99
C PRO C 149 20.69 -8.96 -38.11
N GLU C 150 21.56 -9.58 -37.34
CA GLU C 150 21.70 -11.02 -37.33
C GLU C 150 20.72 -11.65 -36.33
N LEU C 151 20.50 -10.98 -35.20
CA LEU C 151 19.58 -11.50 -34.20
C LEU C 151 18.14 -11.48 -34.72
N PRO C 152 17.52 -12.66 -34.85
CA PRO C 152 16.16 -12.78 -35.33
C PRO C 152 15.11 -12.43 -34.27
N ILE C 153 13.91 -12.14 -34.78
CA ILE C 153 12.74 -11.78 -33.98
C ILE C 153 12.27 -13.04 -33.25
N ARG C 154 11.27 -12.86 -32.39
CA ARG C 154 10.71 -13.96 -31.61
C ARG C 154 9.20 -13.83 -31.51
N MSE C 157 8.44 -18.55 -26.94
CA MSE C 157 9.18 -17.72 -25.99
C MSE C 157 8.51 -17.70 -24.62
O MSE C 157 7.30 -17.48 -24.54
CB MSE C 157 9.28 -16.31 -26.54
CG MSE C 157 9.89 -15.31 -25.58
SE MSE C 157 9.99 -13.53 -26.34
CE MSE C 157 8.06 -13.08 -26.25
N THR C 158 9.26 -17.92 -23.55
CA THR C 158 8.72 -17.92 -22.17
C THR C 158 9.78 -17.94 -21.06
N VAL C 159 10.43 -19.09 -20.91
CA VAL C 159 11.45 -19.29 -19.89
C VAL C 159 12.73 -18.59 -20.30
N GLU C 160 13.17 -18.82 -21.54
CA GLU C 160 14.38 -18.21 -22.06
C GLU C 160 14.22 -16.70 -22.28
N GLU C 161 13.03 -16.19 -21.98
CA GLU C 161 12.75 -14.77 -22.16
C GLU C 161 13.89 -13.91 -21.60
N TYR C 162 13.85 -13.64 -20.30
CA TYR C 162 14.90 -12.82 -19.68
C TYR C 162 15.85 -13.68 -18.86
N ARG C 163 15.57 -14.97 -18.74
CA ARG C 163 16.43 -15.85 -17.96
C ARG C 163 17.78 -16.09 -18.62
N HIS C 164 17.88 -15.83 -19.93
CA HIS C 164 19.13 -16.02 -20.66
C HIS C 164 19.01 -15.41 -22.08
N GLY C 165 17.84 -15.57 -22.69
CA GLY C 165 17.57 -15.06 -24.03
C GLY C 165 18.08 -13.66 -24.39
N LYS C 166 19.27 -13.62 -24.97
CA LYS C 166 19.90 -12.36 -25.36
C LYS C 166 19.12 -11.71 -26.52
N SER C 167 18.46 -10.60 -26.21
CA SER C 167 17.66 -9.90 -27.21
C SER C 167 18.25 -8.51 -27.51
N THR C 168 17.51 -7.73 -28.28
CA THR C 168 17.92 -6.38 -28.65
C THR C 168 16.75 -5.42 -28.46
N ALA C 169 17.10 -4.17 -28.22
CA ALA C 169 16.13 -3.10 -28.04
C ALA C 169 15.11 -3.15 -29.17
N ILE C 170 15.60 -3.04 -30.40
CA ILE C 170 14.73 -3.08 -31.56
C ILE C 170 13.86 -4.34 -31.55
N ASN C 171 14.43 -5.49 -31.25
CA ASN C 171 13.64 -6.71 -31.24
C ASN C 171 12.54 -6.63 -30.21
N HIS C 172 12.83 -6.03 -29.06
CA HIS C 172 11.83 -5.91 -27.99
C HIS C 172 10.62 -5.13 -28.52
N PHE C 173 10.81 -4.38 -29.58
CA PHE C 173 9.71 -3.63 -30.17
C PHE C 173 8.78 -4.62 -30.86
N TYR C 174 9.36 -5.54 -31.60
CA TYR C 174 8.57 -6.54 -32.30
C TYR C 174 8.18 -7.71 -31.41
N GLU C 175 8.84 -7.85 -30.26
CA GLU C 175 8.52 -8.94 -29.34
C GLU C 175 7.46 -8.69 -28.27
N LYS C 176 7.42 -7.47 -27.70
CA LYS C 176 6.46 -7.18 -26.66
C LYS C 176 5.66 -5.91 -26.95
N LEU C 177 6.33 -4.79 -27.17
CA LEU C 177 5.62 -3.53 -27.42
C LEU C 177 4.61 -3.50 -28.54
N PHE C 178 5.07 -3.73 -29.77
CA PHE C 178 4.22 -3.70 -30.94
C PHE C 178 2.99 -4.59 -30.93
N LYS C 179 2.81 -5.38 -29.87
CA LYS C 179 1.66 -6.23 -29.80
C LYS C 179 0.82 -5.86 -28.58
N LEU C 180 0.59 -4.56 -28.44
CA LEU C 180 -0.19 -4.08 -27.33
C LEU C 180 -1.52 -3.52 -27.76
N LYS C 181 -1.53 -2.80 -28.89
CA LYS C 181 -2.74 -2.19 -29.42
C LYS C 181 -3.92 -3.14 -29.33
N ASP C 182 -3.63 -4.43 -29.49
CA ASP C 182 -4.65 -5.47 -29.44
C ASP C 182 -5.07 -5.70 -28.00
N LEU C 183 -4.07 -5.92 -27.15
CA LEU C 183 -4.33 -6.16 -25.74
C LEU C 183 -5.08 -5.02 -25.08
N MSE C 184 -5.38 -3.97 -25.83
CA MSE C 184 -6.10 -2.82 -25.26
C MSE C 184 -7.53 -3.22 -24.89
O MSE C 184 -7.90 -4.39 -25.03
CB MSE C 184 -6.12 -1.67 -26.27
CG MSE C 184 -6.00 -0.27 -25.67
SE MSE C 184 -4.22 0.15 -24.91
CE MSE C 184 -3.09 -0.73 -26.22
N ASN C 185 -8.32 -2.26 -24.41
CA ASN C 185 -9.69 -2.54 -24.03
C ASN C 185 -10.62 -1.41 -24.45
N THR C 186 -10.45 -0.26 -23.82
CA THR C 186 -11.29 0.88 -24.13
C THR C 186 -11.19 1.19 -25.58
N GLU C 187 -12.31 1.56 -26.17
CA GLU C 187 -12.32 1.91 -27.58
C GLU C 187 -11.32 3.06 -27.80
N THR C 188 -11.39 4.08 -26.95
CA THR C 188 -10.47 5.20 -27.10
C THR C 188 -9.05 4.70 -26.88
N GLY C 189 -8.94 3.61 -26.11
CA GLY C 189 -7.64 3.02 -25.84
C GLY C 189 -6.95 2.59 -27.12
N LYS C 190 -7.65 1.82 -27.95
CA LYS C 190 -7.11 1.36 -29.23
C LYS C 190 -6.76 2.60 -30.02
N GLN C 191 -7.58 3.62 -29.92
CA GLN C 191 -7.35 4.87 -30.63
C GLN C 191 -5.94 5.40 -30.34
N LEU C 192 -5.65 5.68 -29.08
CA LEU C 192 -4.35 6.19 -28.67
C LEU C 192 -3.23 5.20 -28.95
N ALA C 193 -3.48 3.93 -28.65
CA ALA C 193 -2.49 2.90 -28.88
C ALA C 193 -2.12 2.87 -30.35
N LYS C 194 -3.06 3.28 -31.19
CA LYS C 194 -2.83 3.30 -32.63
C LYS C 194 -1.90 4.45 -33.01
N GLU C 195 -2.24 5.67 -32.58
CA GLU C 195 -1.44 6.84 -32.89
C GLU C 195 -0.04 6.66 -32.35
N ARG C 196 0.08 5.80 -31.33
CA ARG C 196 1.39 5.54 -30.72
C ARG C 196 2.16 4.54 -31.57
N HIS C 197 1.51 3.43 -31.89
CA HIS C 197 2.11 2.37 -32.68
C HIS C 197 2.71 2.90 -33.97
N VAL C 198 2.00 3.82 -34.63
CA VAL C 198 2.52 4.36 -35.88
C VAL C 198 3.82 5.09 -35.67
N PHE C 199 3.87 5.97 -34.67
CA PHE C 199 5.10 6.75 -34.40
C PHE C 199 6.33 5.85 -34.22
N MSE C 200 6.11 4.70 -33.59
CA MSE C 200 7.18 3.77 -33.38
C MSE C 200 7.53 3.15 -34.70
O MSE C 200 8.71 3.00 -35.01
CB MSE C 200 6.74 2.67 -32.42
CG MSE C 200 6.11 3.24 -31.17
SE MSE C 200 5.94 1.92 -29.77
CE MSE C 200 6.88 2.87 -28.39
N GLU C 201 6.53 2.77 -35.48
CA GLU C 201 6.80 2.20 -36.80
C GLU C 201 7.54 3.28 -37.60
N GLN C 202 7.16 4.53 -37.37
CA GLN C 202 7.77 5.68 -38.03
C GLN C 202 9.25 5.76 -37.65
N PHE C 203 9.53 5.62 -36.36
CA PHE C 203 10.88 5.68 -35.83
C PHE C 203 11.76 4.47 -36.16
N ILE C 204 11.22 3.27 -35.95
CA ILE C 204 11.98 2.07 -36.22
C ILE C 204 12.31 1.96 -37.71
N GLU C 205 11.54 2.62 -38.57
CA GLU C 205 11.83 2.55 -40.00
C GLU C 205 12.93 3.57 -40.35
N ARG C 206 12.85 4.75 -39.75
CA ARG C 206 13.84 5.82 -39.98
C ARG C 206 15.16 5.34 -39.40
N PHE C 207 15.07 4.47 -38.39
CA PHE C 207 16.26 3.94 -37.72
C PHE C 207 16.97 2.94 -38.59
N LEU C 208 16.21 2.07 -39.24
CA LEU C 208 16.81 1.05 -40.09
C LEU C 208 17.33 1.64 -41.38
N SER C 209 16.54 2.52 -41.99
CA SER C 209 16.98 3.16 -43.23
C SER C 209 18.32 3.87 -42.96
N GLU C 210 18.46 4.44 -41.76
CA GLU C 210 19.69 5.13 -41.35
C GLU C 210 20.79 4.11 -41.08
N TRP C 211 20.42 2.94 -40.55
CA TRP C 211 21.37 1.88 -40.26
C TRP C 211 21.97 1.34 -41.54
N ASN C 212 21.15 1.32 -42.59
CA ASN C 212 21.57 0.86 -43.91
C ASN C 212 22.21 2.02 -44.69
N GLY C 213 21.79 2.24 -45.93
CA GLY C 213 22.36 3.35 -46.69
C GLY C 213 21.32 4.39 -47.08
N ASN D 2 44.85 -0.66 -59.62
CA ASN D 2 43.41 -0.68 -59.19
C ASN D 2 43.16 0.32 -58.09
N GLU D 3 41.90 0.43 -57.65
CA GLU D 3 41.50 1.32 -56.56
C GLU D 3 40.24 0.78 -55.88
N GLN D 4 39.27 0.36 -56.68
CA GLN D 4 38.02 -0.15 -56.15
C GLN D 4 38.22 -1.35 -55.24
N ALA D 5 39.03 -2.30 -55.70
CA ALA D 5 39.35 -3.54 -54.99
C ALA D 5 40.15 -3.28 -53.71
N ILE D 6 41.05 -2.30 -53.77
CA ILE D 6 41.86 -1.94 -52.61
C ILE D 6 40.94 -1.74 -51.41
N LEU D 7 39.78 -1.14 -51.66
CA LEU D 7 38.78 -0.88 -50.63
C LEU D 7 38.19 -2.16 -50.11
N GLN D 8 37.70 -2.97 -51.03
CA GLN D 8 37.08 -4.24 -50.69
C GLN D 8 37.97 -5.06 -49.77
N SER D 9 39.28 -4.92 -49.96
CA SER D 9 40.26 -5.63 -49.15
C SER D 9 40.26 -5.07 -47.74
N ALA D 10 40.38 -3.76 -47.66
CA ALA D 10 40.38 -3.06 -46.38
C ALA D 10 39.05 -3.26 -45.66
N GLU D 11 37.94 -3.08 -46.37
CA GLU D 11 36.61 -3.24 -45.78
C GLU D 11 36.47 -4.59 -45.08
N ALA D 12 37.39 -5.50 -45.36
CA ALA D 12 37.39 -6.82 -44.76
C ALA D 12 38.31 -6.89 -43.55
N TRP D 13 39.52 -6.34 -43.70
CA TRP D 13 40.47 -6.34 -42.60
C TRP D 13 39.89 -5.60 -41.41
N VAL D 14 39.43 -4.37 -41.66
CA VAL D 14 38.84 -3.54 -40.60
C VAL D 14 37.63 -4.23 -40.01
N LYS D 15 37.12 -5.25 -40.71
CA LYS D 15 35.96 -5.96 -40.22
C LYS D 15 36.38 -7.13 -39.37
N LYS D 16 37.42 -7.83 -39.80
CA LYS D 16 37.90 -8.98 -39.05
C LYS D 16 38.57 -8.59 -37.71
N GLN D 17 39.56 -7.70 -37.77
CA GLN D 17 40.26 -7.26 -36.57
C GLN D 17 39.29 -6.73 -35.52
N LEU D 18 38.12 -6.28 -35.98
CA LEU D 18 37.11 -5.75 -35.07
C LEU D 18 36.14 -6.80 -34.52
N MSE D 19 35.99 -7.91 -35.24
CA MSE D 19 35.08 -8.97 -34.82
C MSE D 19 35.74 -9.90 -33.80
O MSE D 19 35.41 -11.07 -33.71
CB MSE D 19 34.62 -9.78 -36.06
CG MSE D 19 33.12 -10.17 -36.04
SE MSE D 19 31.94 -9.24 -37.31
CE MSE D 19 31.94 -7.44 -36.50
N ASP D 20 36.67 -9.35 -33.01
CA ASP D 20 37.37 -10.12 -31.99
C ASP D 20 37.42 -9.34 -30.67
N GLU D 21 36.35 -8.60 -30.38
CA GLU D 21 36.26 -7.81 -29.18
C GLU D 21 35.39 -8.51 -28.15
N ASP D 26 30.18 -1.71 -32.98
CA ASP D 26 31.57 -1.25 -33.00
C ASP D 26 31.99 -1.03 -34.45
N TRP D 27 31.96 -2.10 -35.25
CA TRP D 27 32.35 -2.00 -36.66
C TRP D 27 31.25 -1.30 -37.45
N TYR D 28 30.00 -1.58 -37.10
CA TYR D 28 28.88 -0.94 -37.79
C TYR D 28 29.05 0.58 -37.90
N HIS D 29 29.49 1.23 -36.82
CA HIS D 29 29.73 2.67 -36.83
C HIS D 29 30.69 2.98 -37.96
N ILE D 30 31.75 2.18 -38.07
CA ILE D 30 32.77 2.35 -39.11
C ILE D 30 32.12 2.16 -40.47
N ARG D 31 31.21 1.21 -40.57
CA ARG D 31 30.53 0.96 -41.84
C ARG D 31 29.67 2.15 -42.24
N ARG D 32 28.66 2.47 -41.41
CA ARG D 32 27.81 3.58 -41.77
C ARG D 32 28.55 4.90 -41.92
N VAL D 33 29.52 5.17 -41.06
CA VAL D 33 30.24 6.43 -41.20
C VAL D 33 30.96 6.45 -42.55
N THR D 34 31.41 5.29 -43.01
CA THR D 34 32.10 5.21 -44.30
C THR D 34 31.14 5.42 -45.47
N LEU D 35 30.01 4.72 -45.45
CA LEU D 35 29.00 4.85 -46.49
C LEU D 35 28.62 6.32 -46.72
N MSE D 36 28.42 7.05 -45.63
CA MSE D 36 28.06 8.46 -45.70
C MSE D 36 29.20 9.25 -46.28
O MSE D 36 29.01 9.99 -47.24
CB MSE D 36 27.76 8.98 -44.31
CG MSE D 36 26.40 8.61 -43.80
SE MSE D 36 26.10 9.32 -42.00
CE MSE D 36 25.79 7.66 -41.03
N ALA D 37 30.38 9.12 -45.68
CA ALA D 37 31.55 9.82 -46.19
C ALA D 37 31.58 9.66 -47.70
N LYS D 38 31.19 8.49 -48.19
CA LYS D 38 31.14 8.20 -49.63
C LYS D 38 30.12 9.09 -50.29
N ALA D 39 28.84 8.82 -50.05
CA ALA D 39 27.77 9.62 -50.63
C ALA D 39 28.13 11.10 -50.54
N ILE D 40 28.44 11.56 -49.34
CA ILE D 40 28.80 12.94 -49.15
C ILE D 40 30.04 13.26 -49.95
N GLY D 41 30.90 12.26 -50.10
CA GLY D 41 32.13 12.45 -50.83
C GLY D 41 31.95 12.83 -52.28
N GLU D 42 31.24 12.01 -53.04
CA GLU D 42 31.02 12.28 -54.45
C GLU D 42 30.02 13.38 -54.74
N GLN D 43 29.27 13.78 -53.72
CA GLN D 43 28.31 14.84 -53.87
C GLN D 43 29.15 16.12 -53.94
N GLU D 44 30.29 16.11 -53.26
CA GLU D 44 31.21 17.25 -53.23
C GLU D 44 32.30 17.06 -54.28
N LYS D 45 32.10 16.09 -55.15
CA LYS D 45 33.04 15.77 -56.22
C LYS D 45 34.50 15.75 -55.75
N VAL D 46 34.73 15.13 -54.59
CA VAL D 46 36.07 15.02 -54.02
C VAL D 46 36.57 13.59 -54.27
N ASP D 47 37.84 13.31 -53.90
CA ASP D 47 38.46 11.97 -54.09
C ASP D 47 37.72 10.93 -53.22
N VAL D 48 36.68 10.35 -53.80
CA VAL D 48 35.86 9.37 -53.10
C VAL D 48 36.67 8.18 -52.61
N PHE D 49 37.92 8.06 -53.04
CA PHE D 49 38.75 6.95 -52.61
C PHE D 49 39.31 7.21 -51.22
N VAL D 50 40.17 8.22 -51.12
CA VAL D 50 40.81 8.60 -49.86
C VAL D 50 39.79 8.75 -48.73
N VAL D 51 38.70 9.45 -49.02
CA VAL D 51 37.69 9.65 -48.02
C VAL D 51 37.19 8.29 -47.52
N GLN D 52 36.98 7.34 -48.42
CA GLN D 52 36.52 5.99 -48.04
C GLN D 52 37.55 5.22 -47.21
N ILE D 53 38.82 5.24 -47.64
CA ILE D 53 39.91 4.56 -46.92
C ILE D 53 40.06 5.20 -45.56
N ALA D 54 40.05 6.54 -45.55
CA ALA D 54 40.16 7.32 -44.31
C ALA D 54 39.08 6.86 -43.33
N ALA D 55 37.83 6.97 -43.79
CA ALA D 55 36.66 6.60 -43.00
C ALA D 55 36.86 5.26 -42.33
N LEU D 56 37.37 4.29 -43.09
CA LEU D 56 37.59 2.95 -42.59
C LEU D 56 38.54 2.84 -41.42
N PHE D 57 39.62 3.60 -41.46
CA PHE D 57 40.66 3.55 -40.41
C PHE D 57 40.59 4.69 -39.38
N HIS D 58 39.71 5.68 -39.65
CA HIS D 58 39.50 6.83 -38.77
C HIS D 58 39.45 6.42 -37.29
N ASP D 59 38.67 5.39 -36.98
CA ASP D 59 38.52 4.91 -35.62
C ASP D 59 39.69 4.06 -35.12
N LEU D 60 39.95 2.91 -35.74
CA LEU D 60 41.05 2.06 -35.28
C LEU D 60 42.38 2.81 -35.18
N ILE D 61 42.67 3.31 -33.99
CA ILE D 61 43.90 4.04 -33.70
C ILE D 61 44.08 4.13 -32.19
N ASP D 62 42.97 4.14 -31.46
CA ASP D 62 43.00 4.26 -29.99
C ASP D 62 42.17 3.17 -29.28
N GLU D 70 51.71 6.09 -34.17
CA GLU D 70 52.91 5.27 -34.10
C GLU D 70 52.73 4.01 -34.96
N THR D 71 53.22 2.87 -34.48
CA THR D 71 53.13 1.57 -35.14
C THR D 71 51.74 1.30 -35.70
N ALA D 72 50.73 1.77 -35.00
CA ALA D 72 49.35 1.57 -35.42
C ALA D 72 49.17 2.17 -36.80
N LYS D 73 49.58 3.44 -36.94
CA LYS D 73 49.47 4.15 -38.21
C LYS D 73 50.31 3.46 -39.28
N GLN D 74 51.56 3.18 -38.95
CA GLN D 74 52.48 2.52 -39.88
C GLN D 74 51.83 1.26 -40.43
N GLN D 75 51.25 0.45 -39.53
CA GLN D 75 50.57 -0.80 -39.89
C GLN D 75 49.76 -0.62 -41.20
N LEU D 76 49.12 0.54 -41.31
CA LEU D 76 48.29 0.88 -42.48
C LEU D 76 49.17 1.43 -43.59
N ILE D 77 49.96 2.44 -43.25
CA ILE D 77 50.85 3.05 -44.22
C ILE D 77 51.59 1.96 -44.98
N ASP D 78 51.80 0.82 -44.34
CA ASP D 78 52.48 -0.28 -45.01
C ASP D 78 51.50 -1.01 -45.90
N TRP D 79 50.47 -1.58 -45.28
CA TRP D 79 49.44 -2.32 -46.01
C TRP D 79 49.02 -1.57 -47.26
N MSE D 80 48.98 -0.26 -47.13
CA MSE D 80 48.57 0.65 -48.20
C MSE D 80 49.58 0.67 -49.33
O MSE D 80 49.22 0.50 -50.50
CB MSE D 80 48.40 2.05 -47.59
CG MSE D 80 47.53 3.02 -48.36
SE MSE D 80 46.39 3.94 -47.11
CE MSE D 80 47.68 4.78 -45.93
N GLU D 81 50.84 0.88 -48.99
CA GLU D 81 51.86 0.91 -50.04
C GLU D 81 51.83 -0.40 -50.82
N ALA D 82 51.47 -1.48 -50.15
CA ALA D 82 51.39 -2.79 -50.79
C ALA D 82 50.12 -2.91 -51.62
N ALA D 83 49.38 -1.83 -51.70
CA ALA D 83 48.15 -1.80 -52.47
C ALA D 83 48.39 -0.95 -53.70
N GLY D 84 49.57 -0.33 -53.78
CA GLY D 84 49.89 0.49 -54.92
C GLY D 84 49.36 1.90 -54.83
N VAL D 85 48.86 2.24 -53.66
CA VAL D 85 48.33 3.58 -53.48
C VAL D 85 49.48 4.55 -53.68
N PRO D 86 49.37 5.44 -54.67
CA PRO D 86 50.42 6.44 -54.96
C PRO D 86 50.81 7.27 -53.74
N SER D 87 52.11 7.56 -53.60
CA SER D 87 52.63 8.32 -52.45
C SER D 87 51.78 9.53 -52.04
N GLN D 88 51.37 10.33 -53.02
CA GLN D 88 50.58 11.49 -52.69
C GLN D 88 49.30 11.04 -52.01
N LYS D 89 48.58 10.09 -52.60
CA LYS D 89 47.33 9.61 -52.00
C LYS D 89 47.54 9.02 -50.61
N ILE D 90 48.40 8.01 -50.53
CA ILE D 90 48.68 7.36 -49.26
C ILE D 90 49.09 8.37 -48.19
N ASP D 91 49.91 9.35 -48.58
CA ASP D 91 50.36 10.40 -47.66
C ASP D 91 49.21 11.38 -47.37
N HIS D 92 48.11 11.23 -48.10
CA HIS D 92 46.96 12.12 -47.95
C HIS D 92 45.86 11.39 -47.19
N THR D 93 45.88 10.06 -47.26
CA THR D 93 44.87 9.27 -46.58
C THR D 93 44.88 9.53 -45.10
N MSE D 94 45.79 8.86 -44.39
CA MSE D 94 45.87 9.05 -42.95
C MSE D 94 46.20 10.51 -42.57
O MSE D 94 46.17 10.88 -41.39
CB MSE D 94 46.84 8.03 -42.29
CG MSE D 94 48.03 7.59 -43.10
SE MSE D 94 49.01 9.12 -43.64
CE MSE D 94 50.31 9.21 -42.17
N ASP D 95 46.47 11.35 -43.57
CA ASP D 95 46.76 12.78 -43.36
C ASP D 95 45.56 13.41 -42.65
N ILE D 96 44.38 12.95 -43.03
CA ILE D 96 43.14 13.43 -42.45
C ILE D 96 42.82 12.56 -41.24
N ILE D 97 43.32 11.33 -41.26
CA ILE D 97 43.05 10.40 -40.18
C ILE D 97 43.32 10.96 -38.80
N ASN D 98 44.54 11.43 -38.59
CA ASN D 98 44.92 11.97 -37.29
C ASN D 98 44.19 13.29 -36.96
N THR D 99 44.37 14.27 -37.82
CA THR D 99 43.76 15.58 -37.62
C THR D 99 42.22 15.57 -37.80
N ILE D 100 41.50 14.92 -36.89
CA ILE D 100 40.05 14.83 -36.98
C ILE D 100 39.41 14.91 -35.59
N ALA D 111 41.86 21.48 -43.00
CA ALA D 111 43.04 20.87 -43.63
C ALA D 111 42.83 20.63 -45.12
N THR D 112 41.83 19.81 -45.46
CA THR D 112 41.48 19.45 -46.85
C THR D 112 40.00 19.20 -47.02
N ARG D 113 39.50 19.31 -48.23
CA ARG D 113 38.09 19.06 -48.44
C ARG D 113 37.74 17.60 -48.13
N GLU D 114 38.52 16.65 -48.64
CA GLU D 114 38.24 15.22 -48.39
C GLU D 114 38.20 14.93 -46.91
N ALA D 115 39.00 15.70 -46.17
CA ALA D 115 39.04 15.58 -44.73
C ALA D 115 37.68 16.03 -44.18
N MSE D 116 37.19 17.15 -44.70
CA MSE D 116 35.91 17.70 -44.28
C MSE D 116 34.78 16.72 -44.46
O MSE D 116 33.88 16.64 -43.62
CB MSE D 116 35.62 18.97 -45.07
CG MSE D 116 36.56 20.13 -44.84
SE MSE D 116 36.06 21.75 -45.88
CE MSE D 116 37.70 21.95 -46.97
N VAL D 117 34.80 15.96 -45.56
CA VAL D 117 33.74 14.99 -45.80
C VAL D 117 33.79 13.93 -44.71
N VAL D 118 34.98 13.42 -44.42
CA VAL D 118 35.11 12.39 -43.40
C VAL D 118 34.73 12.94 -42.04
N GLN D 119 34.98 14.22 -41.85
CA GLN D 119 34.64 14.87 -40.58
C GLN D 119 33.13 14.83 -40.33
N ASP D 120 32.37 15.23 -41.34
CA ASP D 120 30.91 15.30 -41.29
C ASP D 120 30.31 13.94 -41.12
N ALA D 121 30.67 13.03 -42.00
CA ALA D 121 30.18 11.67 -41.95
C ALA D 121 30.29 11.06 -40.55
N ASP D 122 31.38 11.34 -39.85
CA ASP D 122 31.56 10.80 -38.50
C ASP D 122 30.66 11.49 -37.50
N ARG D 123 30.60 12.82 -37.57
CA ARG D 123 29.75 13.57 -36.64
C ARG D 123 28.29 13.53 -37.08
N LEU D 124 28.04 13.23 -38.33
CA LEU D 124 26.69 13.15 -38.83
C LEU D 124 26.03 11.91 -38.25
N ASP D 125 26.83 11.03 -37.68
CA ASP D 125 26.32 9.79 -37.11
C ASP D 125 25.86 9.96 -35.65
N ALA D 126 26.05 11.14 -35.06
CA ALA D 126 25.63 11.37 -33.69
C ALA D 126 24.21 11.85 -33.66
N LEU D 127 23.68 12.19 -34.83
CA LEU D 127 22.31 12.66 -34.97
C LEU D 127 21.45 11.59 -35.63
N GLY D 128 20.13 11.82 -35.63
CA GLY D 128 19.20 10.90 -36.25
C GLY D 128 18.58 9.89 -35.32
N ALA D 129 17.83 8.94 -35.87
CA ALA D 129 17.16 7.90 -35.09
C ALA D 129 18.19 7.12 -34.27
N ILE D 130 19.29 6.77 -34.92
CA ILE D 130 20.36 6.05 -34.30
C ILE D 130 20.93 6.92 -33.19
N GLY D 131 21.08 8.21 -33.48
CA GLY D 131 21.59 9.13 -32.48
C GLY D 131 20.67 9.17 -31.27
N ILE D 132 19.36 9.19 -31.51
CA ILE D 132 18.38 9.22 -30.43
C ILE D 132 18.49 7.97 -29.58
N ALA D 133 18.59 6.83 -30.24
CA ALA D 133 18.70 5.57 -29.52
C ALA D 133 20.00 5.53 -28.72
N ARG D 134 21.10 5.82 -29.39
CA ARG D 134 22.41 5.78 -28.74
C ARG D 134 22.47 6.73 -27.52
N THR D 135 21.70 7.81 -27.56
CA THR D 135 21.74 8.72 -26.44
C THR D 135 21.06 8.07 -25.26
N PHE D 136 19.79 7.73 -25.41
CA PHE D 136 19.08 7.11 -24.32
C PHE D 136 19.72 5.83 -23.87
N ALA D 137 20.51 5.22 -24.73
CA ALA D 137 21.20 3.97 -24.40
C ALA D 137 22.31 4.24 -23.40
N TYR D 138 23.20 5.18 -23.76
CA TYR D 138 24.31 5.60 -22.92
C TYR D 138 23.78 6.09 -21.60
N SER D 139 22.63 6.75 -21.63
CA SER D 139 22.00 7.27 -20.43
C SER D 139 21.69 6.12 -19.48
N GLY D 140 21.13 5.06 -20.05
CA GLY D 140 20.76 3.90 -19.25
C GLY D 140 21.99 3.25 -18.67
N ASN D 141 23.07 3.30 -19.42
CA ASN D 141 24.31 2.71 -18.97
C ASN D 141 24.96 3.56 -17.89
N LYS D 142 24.85 4.88 -18.05
CA LYS D 142 25.42 5.83 -17.07
C LYS D 142 24.61 5.80 -15.75
N GLY D 143 23.41 5.25 -15.82
CA GLY D 143 22.57 5.17 -14.65
C GLY D 143 21.94 6.50 -14.30
N GLN D 144 21.63 7.31 -15.31
CA GLN D 144 21.01 8.59 -15.04
C GLN D 144 19.61 8.57 -15.60
N PRO D 145 18.83 9.61 -15.31
CA PRO D 145 17.44 9.67 -15.81
C PRO D 145 17.30 10.06 -17.28
N ILE D 146 16.27 9.52 -17.91
CA ILE D 146 15.97 9.80 -19.31
C ILE D 146 15.69 11.29 -19.39
N TYR D 147 14.83 11.74 -18.51
CA TYR D 147 14.49 13.14 -18.47
C TYR D 147 14.22 13.54 -17.04
N ASP D 148 14.60 14.77 -16.68
CA ASP D 148 14.39 15.31 -15.34
C ASP D 148 13.94 16.77 -15.47
N PRO D 149 12.62 17.05 -15.27
CA PRO D 149 12.08 18.41 -15.39
C PRO D 149 12.61 19.37 -14.33
N GLU D 150 13.06 18.83 -13.18
CA GLU D 150 13.62 19.63 -12.09
C GLU D 150 15.10 19.94 -12.37
N LEU D 151 15.56 19.52 -13.56
CA LEU D 151 16.93 19.71 -14.04
C LEU D 151 16.99 20.64 -15.27
N PRO D 152 17.66 21.79 -15.14
CA PRO D 152 17.78 22.75 -16.25
C PRO D 152 18.94 22.36 -17.16
N ILE D 153 18.85 22.76 -18.42
CA ILE D 153 19.87 22.47 -19.40
C ILE D 153 21.15 23.20 -19.14
N ARG D 154 22.15 22.91 -19.96
CA ARG D 154 23.45 23.54 -19.80
C ARG D 154 24.10 23.82 -21.15
N MSE D 157 30.11 25.49 -19.11
CA MSE D 157 30.26 24.05 -18.99
C MSE D 157 31.60 23.56 -19.54
O MSE D 157 31.98 23.93 -20.65
CB MSE D 157 29.12 23.37 -19.75
CG MSE D 157 29.25 21.86 -19.83
SE MSE D 157 27.86 20.99 -20.85
CE MSE D 157 28.31 21.63 -22.63
N THR D 158 32.33 22.74 -18.77
CA THR D 158 33.62 22.21 -19.21
C THR D 158 34.19 21.11 -18.32
N VAL D 159 34.61 21.49 -17.11
CA VAL D 159 35.18 20.56 -16.15
C VAL D 159 34.08 19.71 -15.50
N GLU D 160 33.02 20.37 -15.04
CA GLU D 160 31.90 19.68 -14.41
C GLU D 160 31.12 18.87 -15.42
N GLU D 161 31.52 18.93 -16.69
CA GLU D 161 30.82 18.19 -17.74
C GLU D 161 30.50 16.76 -17.29
N TYR D 162 31.44 15.84 -17.49
CA TYR D 162 31.21 14.46 -17.10
C TYR D 162 31.96 14.11 -15.81
N ARG D 163 32.74 15.05 -15.29
CA ARG D 163 33.48 14.77 -14.07
C ARG D 163 32.56 14.68 -12.84
N HIS D 164 31.35 15.24 -12.93
CA HIS D 164 30.41 15.19 -11.81
C HIS D 164 29.03 15.66 -12.29
N GLY D 165 29.01 16.66 -13.17
CA GLY D 165 27.77 17.22 -13.69
C GLY D 165 26.66 16.26 -14.07
N LYS D 166 25.75 15.99 -13.12
CA LYS D 166 24.64 15.07 -13.35
C LYS D 166 23.66 15.67 -14.39
N SER D 167 23.61 15.05 -15.56
CA SER D 167 22.75 15.51 -16.64
C SER D 167 21.67 14.46 -16.98
N THR D 168 20.91 14.74 -18.04
CA THR D 168 19.85 13.84 -18.49
C THR D 168 19.97 13.64 -20.00
N ALA D 169 19.45 12.51 -20.46
CA ALA D 169 19.45 12.15 -21.85
C ALA D 169 18.89 13.30 -22.66
N ILE D 170 17.67 13.71 -22.33
CA ILE D 170 17.05 14.83 -23.02
C ILE D 170 17.93 16.07 -23.02
N ASN D 171 18.50 16.41 -21.87
CA ASN D 171 19.35 17.57 -21.81
C ASN D 171 20.56 17.45 -22.74
N HIS D 172 21.12 16.25 -22.83
CA HIS D 172 22.26 16.03 -23.69
C HIS D 172 21.87 16.37 -25.13
N PHE D 173 20.58 16.37 -25.43
CA PHE D 173 20.13 16.73 -26.76
C PHE D 173 20.35 18.22 -26.97
N TYR D 174 19.98 19.01 -25.97
CA TYR D 174 20.14 20.45 -26.06
C TYR D 174 21.55 20.92 -25.72
N GLU D 175 22.34 20.05 -25.11
CA GLU D 175 23.69 20.43 -24.69
C GLU D 175 24.80 20.13 -25.69
N LYS D 176 24.72 18.99 -26.37
CA LYS D 176 25.76 18.62 -27.31
C LYS D 176 25.21 18.33 -28.72
N LEU D 177 24.29 17.39 -28.82
CA LEU D 177 23.74 17.02 -30.13
C LEU D 177 23.17 18.13 -31.00
N PHE D 178 22.09 18.76 -30.54
CA PHE D 178 21.43 19.81 -31.28
C PHE D 178 22.28 20.95 -31.75
N LYS D 179 23.56 20.94 -31.41
CA LYS D 179 24.43 22.03 -31.85
C LYS D 179 25.52 21.47 -32.72
N LEU D 180 25.13 20.63 -33.65
CA LEU D 180 26.06 20.03 -34.56
C LEU D 180 25.91 20.55 -35.98
N LYS D 181 24.66 20.71 -36.41
CA LYS D 181 24.36 21.17 -37.76
C LYS D 181 25.27 22.32 -38.17
N ASP D 182 25.65 23.12 -37.19
CA ASP D 182 26.51 24.27 -37.41
C ASP D 182 27.95 23.81 -37.59
N LEU D 183 28.40 22.98 -36.66
CA LEU D 183 29.75 22.46 -36.70
C LEU D 183 30.03 21.66 -37.97
N MSE D 184 29.03 21.53 -38.84
CA MSE D 184 29.20 20.78 -40.08
C MSE D 184 30.19 21.51 -41.00
O MSE D 184 30.75 22.54 -40.64
CB MSE D 184 27.85 20.62 -40.79
CG MSE D 184 27.66 19.29 -41.48
SE MSE D 184 27.54 17.75 -40.27
CE MSE D 184 26.42 18.51 -38.88
N ASN D 185 30.40 20.97 -42.20
CA ASN D 185 31.32 21.58 -43.15
C ASN D 185 30.80 21.48 -44.57
N THR D 186 30.68 20.27 -45.07
CA THR D 186 30.19 20.05 -46.42
C THR D 186 28.82 20.65 -46.55
N GLU D 187 28.55 21.25 -47.69
CA GLU D 187 27.25 21.83 -47.91
C GLU D 187 26.23 20.71 -47.78
N THR D 188 26.48 19.58 -48.42
CA THR D 188 25.55 18.47 -48.32
C THR D 188 25.47 18.03 -46.86
N GLY D 189 26.57 18.26 -46.13
CA GLY D 189 26.60 17.91 -44.72
C GLY D 189 25.50 18.62 -43.94
N LYS D 190 25.42 19.94 -44.08
CA LYS D 190 24.39 20.71 -43.39
C LYS D 190 23.04 20.18 -43.83
N GLN D 191 22.95 19.81 -45.11
CA GLN D 191 21.70 19.28 -45.63
C GLN D 191 21.21 18.13 -44.77
N LEU D 192 22.01 17.06 -44.70
CA LEU D 192 21.67 15.87 -43.92
C LEU D 192 21.52 16.19 -42.44
N ALA D 193 22.44 16.98 -41.92
CA ALA D 193 22.40 17.35 -40.52
C ALA D 193 21.07 18.03 -40.23
N LYS D 194 20.52 18.66 -41.26
CA LYS D 194 19.25 19.36 -41.11
C LYS D 194 18.09 18.37 -41.00
N GLU D 195 18.00 17.48 -41.97
CA GLU D 195 16.94 16.49 -41.99
C GLU D 195 17.00 15.67 -40.73
N ARG D 196 18.17 15.58 -40.13
CA ARG D 196 18.34 14.80 -38.91
C ARG D 196 17.84 15.59 -37.72
N HIS D 197 18.31 16.82 -37.58
CA HIS D 197 17.94 17.71 -36.50
C HIS D 197 16.42 17.83 -36.33
N VAL D 198 15.71 17.91 -37.45
CA VAL D 198 14.26 18.03 -37.37
C VAL D 198 13.65 16.79 -36.74
N PHE D 199 14.05 15.61 -37.19
CA PHE D 199 13.48 14.38 -36.65
C PHE D 199 13.63 14.32 -35.14
N MSE D 200 14.75 14.83 -34.63
CA MSE D 200 14.99 14.81 -33.20
C MSE D 200 14.06 15.82 -32.57
O MSE D 200 13.48 15.55 -31.53
CB MSE D 200 16.43 15.17 -32.90
CG MSE D 200 17.38 14.38 -33.74
SE MSE D 200 19.12 14.59 -33.14
CE MSE D 200 19.56 12.70 -32.84
N GLU D 201 13.92 16.99 -33.19
CA GLU D 201 13.02 17.98 -32.66
C GLU D 201 11.64 17.36 -32.68
N GLN D 202 11.38 16.58 -33.72
CA GLN D 202 10.09 15.91 -33.89
C GLN D 202 9.84 14.95 -32.74
N PHE D 203 10.86 14.19 -32.36
CA PHE D 203 10.81 13.20 -31.29
C PHE D 203 10.80 13.80 -29.90
N ILE D 204 11.72 14.72 -29.63
CA ILE D 204 11.78 15.32 -28.32
C ILE D 204 10.51 16.11 -28.00
N GLU D 205 9.76 16.51 -29.03
CA GLU D 205 8.52 17.25 -28.77
C GLU D 205 7.41 16.25 -28.47
N ARG D 206 7.37 15.15 -29.23
CA ARG D 206 6.37 14.10 -29.05
C ARG D 206 6.60 13.47 -27.67
N PHE D 207 7.85 13.52 -27.23
CA PHE D 207 8.24 12.94 -25.95
C PHE D 207 7.74 13.79 -24.80
N LEU D 208 7.89 15.10 -24.93
CA LEU D 208 7.45 15.99 -23.87
C LEU D 208 5.93 16.09 -23.81
N SER D 209 5.29 16.21 -24.97
CA SER D 209 3.83 16.28 -24.99
C SER D 209 3.27 15.01 -24.31
N GLU D 210 3.94 13.88 -24.55
CA GLU D 210 3.54 12.63 -23.95
C GLU D 210 3.85 12.70 -22.45
N TRP D 211 4.83 13.52 -22.09
CA TRP D 211 5.23 13.64 -20.70
C TRP D 211 4.04 13.96 -19.81
N ASN D 212 2.98 14.53 -20.40
CA ASN D 212 1.74 14.88 -19.70
C ASN D 212 0.48 14.39 -20.45
N GLY D 213 0.07 15.14 -21.48
CA GLY D 213 -1.09 14.78 -22.27
C GLY D 213 -1.73 15.88 -23.12
#